data_1YST
#
_entry.id   1YST
#
_cell.length_a   143.700
_cell.length_b   139.800
_cell.length_c   78.650
_cell.angle_alpha   90.00
_cell.angle_beta   90.00
_cell.angle_gamma   90.00
#
_symmetry.space_group_name_H-M   'P 21 21 21'
#
loop_
_entity.id
_entity.type
_entity.pdbx_description
1 polymer 'PHOTOSYNTHETIC REACTION CENTER (L SUBUNIT)'
2 polymer 'PHOTOSYNTHETIC REACTION CENTER (M SUBUNIT)'
3 polymer 'PHOTOSYNTHETIC REACTION CENTER (H SUBUNIT)'
4 non-polymer 'BACTERIOCHLOROPHYLL A'
5 non-polymer 'BACTERIOPHEOPHYTIN A'
6 non-polymer UBIQUINONE-10
7 non-polymer 'MANGANESE (II) ION'
8 non-polymer SPHEROIDENE
#
loop_
_entity_poly.entity_id
_entity_poly.type
_entity_poly.pdbx_seq_one_letter_code
_entity_poly.pdbx_strand_id
1 'polypeptide(L)'
;ALLSFERKYRVPGGTLVGGNLFDFWVGPFYVGFFGVATFFFAALGIILIAWSAVLQGTWNPQLISVYPPALEYGLGGAPL
AKGGLWQIITICATGAFVSWALREVEICRKLGIGYHIPFAFAFAILAYLTLVLFRPVMMGAWGYAFPYGIWTHLDWVSNT
GYTYGNFHYNPAHMIAISFFFTNALALALHGALVLSAANPEKGKEMRTPDHEDTFFRDLVGYSIGTLGIHRLGLLLSLSA
VFFSALCMIITGTIWFDQWVDWWQWWVKLPWWA
;
L
2 'polypeptide(L)'
;AEYQNIFSQVQVRGPADLGMTEDVNLANRSGVGPFSTLLGWFGNAQLGPIYLGSLGVLSLFSGLMWFFTIGIWFWYQAGW
NPAVFLRDLFFFSLEPPAPEYGLSFAAPLKEGGLWLIASFFMFVAVWSWWGRTYLRAQAMGMGKHTAWAFLSAIWLWMVL
GFIRPILMGSWSEAVPYGIFSHLDWTNNFSLVHGNLFYNPFHGLSIAFLYGSALLFAMHGATILAVSRFGGERELEQIAD
RGTAAERAALFWRWTMGFNATMEGIHRWAIWMAVLVTLTGGIGILLSGTVVDNWYVWGQNHGMAP
;
M
3 'polypeptide(L)'
;MVGVTAFGNFDLASLAIYSFWIFLAGLIYYLQTENMREGYPLENEDGTPAANQGPFPLPKPKTFILPHGRGTLTVPGPES
EDRPIALARTAVSEGFPHAPTGDPMKDGVGPASWVARRDLPELDGHGHNKIKPMKAAAGFHVSAGKNPIGLPVRGCDLEI
AGKVVDIWVDIPEQMARFLEVELKDGSTRLLPMQMVKVQSNRVHVNALSSDLFAGIPTIKSPTEVTLLEEDKICGYVAGG
LMYAAPKRKSVVAAMLAEYA
;
H
#
loop_
_chem_comp.id
_chem_comp.type
_chem_comp.name
_chem_comp.formula
BCL non-polymer 'BACTERIOCHLOROPHYLL A' 'C55 H74 Mg N4 O6'
BPH non-polymer 'BACTERIOPHEOPHYTIN A' 'C55 H76 N4 O6'
MN non-polymer 'MANGANESE (II) ION' 'Mn 2'
SPO non-polymer SPHEROIDENE 'C41 H60 O'
U10 non-polymer UBIQUINONE-10 'C59 H90 O4'
#
# COMPACT_ATOMS: atom_id res chain seq x y z
N ALA A 1 0.52 -13.07 -19.59
CA ALA A 1 1.16 -13.49 -20.86
C ALA A 1 0.43 -14.75 -21.31
N LEU A 2 1.05 -15.89 -21.04
CA LEU A 2 0.45 -17.17 -21.35
C LEU A 2 0.21 -17.77 -19.95
N LEU A 3 0.81 -17.11 -18.95
CA LEU A 3 0.79 -17.45 -17.53
C LEU A 3 -0.03 -18.66 -17.20
N SER A 4 0.56 -19.80 -17.53
CA SER A 4 -0.04 -21.11 -17.32
C SER A 4 -1.56 -21.05 -17.05
N PHE A 5 -1.91 -20.92 -15.76
CA PHE A 5 -3.29 -20.84 -15.33
C PHE A 5 -4.23 -20.00 -16.19
N GLU A 6 -3.67 -18.89 -16.66
CA GLU A 6 -4.33 -17.93 -17.50
C GLU A 6 -5.31 -18.61 -18.46
N ARG A 7 -4.77 -19.59 -19.18
CA ARG A 7 -5.48 -20.41 -20.16
C ARG A 7 -6.99 -20.38 -20.01
N LYS A 8 -7.47 -20.94 -18.90
CA LYS A 8 -8.91 -21.01 -18.61
C LYS A 8 -9.62 -19.67 -18.61
N TYR A 9 -9.22 -18.81 -17.66
CA TYR A 9 -9.93 -17.54 -17.39
C TYR A 9 -9.96 -16.64 -18.66
N ARG A 10 -9.17 -16.86 -19.75
CA ARG A 10 -9.17 -16.02 -20.97
C ARG A 10 -10.48 -16.11 -21.81
N VAL A 11 -11.57 -15.50 -21.31
CA VAL A 11 -12.92 -15.53 -21.93
C VAL A 11 -13.46 -14.08 -22.25
N PRO A 12 -14.49 -13.92 -23.14
CA PRO A 12 -14.96 -12.55 -23.39
C PRO A 12 -15.82 -11.95 -22.27
N GLY A 13 -16.06 -10.65 -22.33
CA GLY A 13 -16.90 -10.02 -21.33
C GLY A 13 -16.53 -8.57 -21.08
N GLY A 14 -16.79 -8.10 -19.86
CA GLY A 14 -16.48 -6.73 -19.50
C GLY A 14 -16.99 -5.75 -20.55
N THR A 15 -16.09 -4.87 -20.98
CA THR A 15 -16.32 -3.87 -22.03
C THR A 15 -17.49 -2.90 -21.83
N LEU A 16 -17.18 -1.64 -21.50
CA LEU A 16 -18.18 -0.59 -21.29
C LEU A 16 -18.88 -0.22 -22.62
N VAL A 17 -18.12 -0.23 -23.71
CA VAL A 17 -18.67 0.12 -25.02
C VAL A 17 -18.00 -0.72 -26.13
N GLY A 18 -16.93 -1.41 -25.78
CA GLY A 18 -16.25 -2.28 -26.74
C GLY A 18 -17.02 -3.58 -26.89
N GLY A 19 -18.36 -3.48 -26.76
CA GLY A 19 -19.25 -4.63 -26.86
C GLY A 19 -18.50 -5.94 -26.81
N ASN A 20 -18.44 -6.61 -27.96
CA ASN A 20 -17.73 -7.88 -28.07
C ASN A 20 -16.47 -7.67 -28.91
N LEU A 21 -16.57 -6.66 -29.75
CA LEU A 21 -15.50 -6.27 -30.64
C LEU A 21 -14.45 -5.45 -29.91
N PHE A 22 -13.18 -5.77 -30.16
CA PHE A 22 -12.08 -5.03 -29.56
C PHE A 22 -11.77 -5.51 -28.14
N ASP A 23 -11.50 -6.80 -27.99
CA ASP A 23 -11.13 -7.38 -26.71
C ASP A 23 -10.34 -8.68 -26.94
N PHE A 24 -9.07 -8.50 -27.34
CA PHE A 24 -8.19 -9.63 -27.63
C PHE A 24 -6.76 -9.38 -27.13
N TRP A 25 -6.29 -10.18 -26.19
CA TRP A 25 -4.95 -9.97 -25.63
C TRP A 25 -3.79 -9.84 -26.60
N VAL A 26 -3.45 -8.60 -26.94
CA VAL A 26 -2.31 -8.31 -27.81
C VAL A 26 -1.14 -8.77 -26.97
N GLY A 27 -0.81 -10.05 -27.06
CA GLY A 27 0.29 -10.55 -26.28
C GLY A 27 -0.17 -10.44 -24.85
N PRO A 28 0.74 -10.21 -23.91
CA PRO A 28 0.47 -10.08 -22.48
C PRO A 28 -0.56 -9.00 -22.08
N PHE A 29 -0.77 -8.01 -22.93
CA PHE A 29 -1.70 -6.90 -22.66
C PHE A 29 -3.14 -7.12 -23.12
N TYR A 30 -4.07 -6.29 -22.65
CA TYR A 30 -5.49 -6.38 -23.02
C TYR A 30 -6.01 -5.16 -23.81
N VAL A 31 -6.15 -5.29 -25.12
CA VAL A 31 -6.67 -4.18 -25.88
C VAL A 31 -8.19 -4.12 -25.74
N GLY A 32 -8.67 -3.07 -25.10
CA GLY A 32 -10.09 -2.87 -24.93
C GLY A 32 -10.34 -1.50 -25.54
N PHE A 33 -11.59 -1.03 -25.65
CA PHE A 33 -11.87 0.31 -26.24
C PHE A 33 -10.94 1.38 -25.64
N PHE A 34 -10.96 1.50 -24.33
CA PHE A 34 -10.16 2.47 -23.61
C PHE A 34 -8.65 2.11 -23.78
N GLY A 35 -8.39 0.83 -23.97
CA GLY A 35 -7.03 0.41 -24.20
C GLY A 35 -6.54 1.16 -25.43
N VAL A 36 -7.32 1.14 -26.50
CA VAL A 36 -6.86 1.86 -27.69
C VAL A 36 -6.99 3.37 -27.44
N ALA A 37 -8.12 3.74 -26.85
CA ALA A 37 -8.41 5.15 -26.60
C ALA A 37 -7.41 5.76 -25.60
N THR A 38 -6.49 4.93 -25.06
CA THR A 38 -5.41 5.48 -24.25
C THR A 38 -4.31 5.74 -25.27
N PHE A 39 -3.87 4.64 -25.89
CA PHE A 39 -2.77 4.65 -26.90
C PHE A 39 -2.88 5.85 -27.84
N PHE A 40 -4.03 6.02 -28.53
CA PHE A 40 -4.25 7.15 -29.44
C PHE A 40 -4.12 8.44 -28.62
N PHE A 41 -5.06 8.63 -27.70
CA PHE A 41 -5.11 9.80 -26.84
C PHE A 41 -3.76 10.13 -26.18
N ALA A 42 -2.91 9.11 -26.06
CA ALA A 42 -1.58 9.18 -25.47
C ALA A 42 -0.53 9.58 -26.52
N ALA A 43 -0.26 8.65 -27.44
CA ALA A 43 0.72 8.85 -28.53
C ALA A 43 0.65 10.22 -29.21
N LEU A 44 -0.57 10.71 -29.42
CA LEU A 44 -0.79 12.02 -30.04
C LEU A 44 -0.32 13.12 -29.09
N GLY A 45 0.09 12.70 -27.90
CA GLY A 45 0.64 13.58 -26.89
C GLY A 45 2.16 13.55 -27.00
N ILE A 46 2.70 12.33 -27.21
CA ILE A 46 4.13 12.12 -27.37
C ILE A 46 4.61 12.78 -28.67
N ILE A 47 3.85 12.58 -29.75
CA ILE A 47 4.19 13.20 -31.02
C ILE A 47 4.18 14.72 -30.85
N LEU A 48 3.06 15.22 -30.32
CA LEU A 48 2.92 16.65 -30.08
C LEU A 48 4.06 17.18 -29.21
N ILE A 49 4.48 16.38 -28.23
CA ILE A 49 5.59 16.78 -27.37
C ILE A 49 6.92 16.65 -28.11
N ALA A 50 7.15 15.47 -28.66
CA ALA A 50 8.36 15.20 -29.41
C ALA A 50 8.64 16.30 -30.42
N TRP A 51 7.66 16.63 -31.26
CA TRP A 51 7.85 17.66 -32.26
C TRP A 51 8.05 19.04 -31.64
N SER A 52 7.15 19.41 -30.74
CA SER A 52 7.15 20.75 -30.16
C SER A 52 8.52 21.16 -29.63
N ALA A 53 9.49 20.24 -29.70
CA ALA A 53 10.63 20.28 -28.95
C ALA A 53 11.56 20.71 -30.07
N VAL A 54 11.25 20.21 -31.26
CA VAL A 54 11.99 20.51 -32.46
C VAL A 54 11.59 21.89 -33.01
N LEU A 55 11.78 22.90 -32.17
CA LEU A 55 11.48 24.30 -32.50
C LEU A 55 11.89 25.20 -31.34
N GLN A 56 12.50 24.59 -30.33
CA GLN A 56 12.93 25.35 -29.16
C GLN A 56 14.41 25.06 -28.86
N GLY A 57 14.89 23.83 -29.27
CA GLY A 57 16.30 23.55 -28.96
C GLY A 57 16.57 22.02 -28.83
N THR A 58 17.78 21.74 -28.35
CA THR A 58 18.36 20.38 -28.14
C THR A 58 17.40 19.18 -28.03
N TRP A 59 17.78 18.14 -28.75
CA TRP A 59 17.05 16.88 -28.74
C TRP A 59 17.53 16.11 -27.50
N ASN A 60 17.12 16.57 -26.30
CA ASN A 60 17.56 16.02 -25.00
C ASN A 60 16.43 15.65 -24.01
N PRO A 61 16.54 14.47 -23.35
CA PRO A 61 15.53 14.02 -22.39
C PRO A 61 15.35 15.01 -21.25
N GLN A 62 16.42 15.16 -20.49
CA GLN A 62 16.46 16.03 -19.32
C GLN A 62 16.38 17.57 -19.56
N LEU A 63 16.23 18.01 -20.82
CA LEU A 63 16.22 19.47 -21.15
C LEU A 63 15.06 20.10 -21.84
N ILE A 64 13.97 19.46 -22.00
CA ILE A 64 12.86 20.26 -22.42
C ILE A 64 11.84 20.20 -21.32
N SER A 65 10.62 20.47 -21.68
CA SER A 65 9.53 20.49 -20.72
C SER A 65 8.36 21.18 -21.38
N VAL A 66 7.45 21.75 -20.61
CA VAL A 66 6.31 22.41 -21.25
C VAL A 66 5.71 23.51 -20.37
N TYR A 67 6.00 24.76 -20.75
CA TYR A 67 5.47 25.94 -20.03
C TYR A 67 4.12 26.40 -20.59
N PRO A 68 3.13 26.63 -19.72
CA PRO A 68 1.80 27.12 -20.11
C PRO A 68 1.90 28.55 -20.65
N PRO A 69 0.79 29.17 -21.10
CA PRO A 69 0.84 30.55 -21.57
C PRO A 69 1.27 31.45 -20.42
N ALA A 70 1.84 32.60 -20.74
CA ALA A 70 2.30 33.52 -19.71
C ALA A 70 1.24 33.73 -18.62
N LEU A 71 1.60 34.53 -17.61
CA LEU A 71 0.66 34.86 -16.52
C LEU A 71 -0.55 35.63 -17.03
N GLU A 72 -0.56 36.96 -16.99
CA GLU A 72 -1.74 37.71 -17.50
C GLU A 72 -1.91 37.62 -19.01
N TYR A 73 -1.71 36.42 -19.52
CA TYR A 73 -1.91 36.11 -20.90
C TYR A 73 -3.42 35.78 -20.96
N GLY A 74 -4.16 36.24 -19.96
CA GLY A 74 -5.59 36.02 -19.90
C GLY A 74 -5.90 34.61 -19.41
N LEU A 75 -6.25 33.73 -20.33
CA LEU A 75 -6.57 32.34 -20.04
C LEU A 75 -6.67 31.69 -21.40
N GLY A 76 -7.71 32.13 -22.10
CA GLY A 76 -8.04 31.64 -23.42
C GLY A 76 -6.89 31.05 -24.18
N GLY A 77 -6.94 29.71 -24.28
CA GLY A 77 -5.93 28.87 -25.00
C GLY A 77 -5.26 29.71 -26.09
N ALA A 78 -4.16 30.32 -25.72
CA ALA A 78 -3.43 31.22 -26.64
C ALA A 78 -2.68 30.48 -27.77
N PRO A 79 -1.41 30.89 -28.01
CA PRO A 79 -0.56 30.35 -29.10
C PRO A 79 -0.21 28.87 -28.97
N LEU A 80 0.39 28.34 -30.05
CA LEU A 80 0.79 26.94 -30.10
C LEU A 80 2.28 26.78 -29.83
N ALA A 81 2.87 27.76 -29.15
CA ALA A 81 4.26 27.67 -28.72
C ALA A 81 4.45 28.44 -27.41
N LYS A 82 3.76 29.57 -27.25
CA LYS A 82 3.86 30.37 -26.03
C LYS A 82 2.79 29.89 -25.03
N GLY A 83 2.65 28.57 -24.93
CA GLY A 83 1.69 27.95 -24.01
C GLY A 83 0.45 27.18 -24.50
N GLY A 84 0.31 27.01 -25.81
CA GLY A 84 -0.84 26.30 -26.30
C GLY A 84 -0.52 24.83 -26.45
N LEU A 85 0.76 24.56 -26.64
CA LEU A 85 1.18 23.17 -26.77
C LEU A 85 0.80 22.43 -25.45
N TRP A 86 0.90 23.15 -24.35
CA TRP A 86 0.55 22.66 -23.02
C TRP A 86 -0.93 22.25 -23.03
N GLN A 87 -1.79 23.19 -23.37
CA GLN A 87 -3.22 22.91 -23.41
C GLN A 87 -3.54 21.76 -24.38
N ILE A 88 -2.68 21.50 -25.35
CA ILE A 88 -3.00 20.39 -26.21
C ILE A 88 -2.25 19.14 -25.72
N ILE A 89 -1.28 19.32 -24.81
CA ILE A 89 -0.58 18.17 -24.18
C ILE A 89 -1.51 17.69 -23.04
N THR A 90 -2.06 18.64 -22.29
CA THR A 90 -3.00 18.41 -21.18
C THR A 90 -4.34 17.74 -21.58
N ILE A 91 -5.17 18.37 -22.42
CA ILE A 91 -6.44 17.77 -22.82
C ILE A 91 -6.16 16.35 -23.32
N CYS A 92 -5.05 16.20 -24.03
CA CYS A 92 -4.62 14.93 -24.56
C CYS A 92 -4.27 14.01 -23.37
N ALA A 93 -3.32 14.44 -22.55
CA ALA A 93 -2.89 13.70 -21.35
C ALA A 93 -4.01 13.36 -20.34
N THR A 94 -4.68 14.39 -19.81
CA THR A 94 -5.78 14.23 -18.84
C THR A 94 -6.69 13.15 -19.39
N GLY A 95 -6.99 13.25 -20.66
CA GLY A 95 -7.82 12.24 -21.28
C GLY A 95 -7.17 10.87 -21.17
N ALA A 96 -5.96 10.74 -21.69
CA ALA A 96 -5.25 9.46 -21.67
C ALA A 96 -5.35 8.78 -20.31
N PHE A 97 -5.21 9.59 -19.28
CA PHE A 97 -5.31 9.12 -17.93
C PHE A 97 -6.69 8.50 -17.66
N VAL A 98 -7.72 9.36 -17.61
CA VAL A 98 -9.11 8.98 -17.39
C VAL A 98 -9.45 7.69 -18.10
N SER A 99 -8.84 7.48 -19.25
CA SER A 99 -9.05 6.28 -20.04
C SER A 99 -8.45 5.04 -19.34
N TRP A 100 -7.16 5.08 -19.07
CA TRP A 100 -6.47 3.97 -18.40
C TRP A 100 -7.16 3.63 -17.09
N ALA A 101 -7.65 4.67 -16.41
CA ALA A 101 -8.38 4.54 -15.15
C ALA A 101 -9.55 3.60 -15.38
N LEU A 102 -10.50 4.05 -16.20
CA LEU A 102 -11.68 3.24 -16.48
C LEU A 102 -11.30 1.96 -17.20
N ARG A 103 -10.18 1.96 -17.93
CA ARG A 103 -9.81 0.73 -18.61
C ARG A 103 -9.77 -0.34 -17.54
N GLU A 104 -9.07 -0.07 -16.44
CA GLU A 104 -9.01 -1.07 -15.39
C GLU A 104 -10.42 -1.66 -15.06
N VAL A 105 -11.43 -0.80 -14.86
CA VAL A 105 -12.78 -1.28 -14.55
C VAL A 105 -13.18 -2.41 -15.52
N GLU A 106 -12.81 -2.25 -16.77
CA GLU A 106 -13.11 -3.25 -17.80
C GLU A 106 -12.55 -4.63 -17.51
N ILE A 107 -11.20 -4.66 -17.42
CA ILE A 107 -10.41 -5.89 -17.22
C ILE A 107 -10.71 -6.54 -15.88
N CYS A 108 -10.85 -5.68 -14.88
CA CYS A 108 -11.17 -6.02 -13.50
C CYS A 108 -12.50 -6.77 -13.52
N ARG A 109 -13.49 -6.14 -14.11
CA ARG A 109 -14.84 -6.64 -14.27
C ARG A 109 -14.96 -8.05 -14.87
N LYS A 110 -14.23 -8.28 -15.96
CA LYS A 110 -14.29 -9.54 -16.67
C LYS A 110 -13.54 -10.67 -15.98
N LEU A 111 -13.16 -10.44 -14.73
CA LEU A 111 -12.48 -11.44 -13.93
C LEU A 111 -13.13 -11.59 -12.57
N GLY A 112 -14.34 -11.10 -12.45
CA GLY A 112 -15.03 -11.25 -11.20
C GLY A 112 -14.56 -10.42 -10.02
N ILE A 113 -13.43 -9.73 -10.14
CA ILE A 113 -12.97 -8.92 -9.02
C ILE A 113 -13.82 -7.64 -8.87
N GLY A 114 -13.44 -6.70 -8.00
CA GLY A 114 -14.25 -5.51 -7.77
C GLY A 114 -13.65 -4.18 -8.13
N TYR A 115 -14.46 -3.32 -8.76
CA TYR A 115 -14.09 -1.98 -9.18
C TYR A 115 -13.63 -1.30 -7.87
N HIS A 116 -12.33 -1.39 -7.57
CA HIS A 116 -11.73 -0.88 -6.33
C HIS A 116 -10.40 -0.17 -6.55
N ILE A 117 -9.60 -0.66 -7.50
CA ILE A 117 -8.29 -0.05 -7.82
C ILE A 117 -8.47 1.32 -8.52
N PRO A 118 -9.27 1.36 -9.61
CA PRO A 118 -9.44 2.66 -10.27
C PRO A 118 -9.91 3.74 -9.31
N PHE A 119 -10.64 3.33 -8.27
CA PHE A 119 -11.16 4.24 -7.26
C PHE A 119 -9.93 4.83 -6.60
N ALA A 120 -9.08 3.94 -6.13
CA ALA A 120 -7.86 4.34 -5.48
C ALA A 120 -6.95 5.14 -6.43
N PHE A 121 -7.18 4.99 -7.73
CA PHE A 121 -6.42 5.67 -8.79
C PHE A 121 -7.00 7.04 -9.09
N ALA A 122 -8.33 7.13 -8.99
CA ALA A 122 -9.04 8.36 -9.25
C ALA A 122 -8.58 9.45 -8.31
N PHE A 123 -7.87 9.06 -7.27
CA PHE A 123 -7.37 10.02 -6.30
C PHE A 123 -6.07 10.64 -6.84
N ALA A 124 -5.29 9.87 -7.59
CA ALA A 124 -4.06 10.37 -8.17
C ALA A 124 -4.44 11.43 -9.22
N ILE A 125 -5.50 11.16 -10.00
CA ILE A 125 -5.99 12.10 -11.00
C ILE A 125 -6.52 13.31 -10.22
N LEU A 126 -7.27 13.05 -9.15
CA LEU A 126 -7.82 14.15 -8.36
C LEU A 126 -6.66 15.04 -7.91
N ALA A 127 -5.49 14.44 -7.72
CA ALA A 127 -4.30 15.17 -7.29
C ALA A 127 -3.76 16.05 -8.41
N TYR A 128 -3.36 15.41 -9.50
CA TYR A 128 -2.84 16.08 -10.70
C TYR A 128 -3.70 17.27 -11.03
N LEU A 129 -4.94 16.98 -11.39
CA LEU A 129 -5.92 18.00 -11.76
C LEU A 129 -5.94 19.20 -10.82
N THR A 130 -5.79 19.01 -9.51
CA THR A 130 -5.79 20.15 -8.58
C THR A 130 -4.72 21.18 -9.00
N LEU A 131 -3.47 20.73 -9.19
CA LEU A 131 -2.40 21.63 -9.63
C LEU A 131 -2.06 21.57 -11.14
N VAL A 132 -3.08 21.74 -11.98
CA VAL A 132 -2.99 21.75 -13.47
C VAL A 132 -4.27 22.36 -14.09
N LEU A 133 -5.44 21.90 -13.66
CA LEU A 133 -6.72 22.46 -14.13
C LEU A 133 -7.71 22.86 -13.04
N PHE A 134 -7.30 22.92 -11.77
CA PHE A 134 -8.26 23.35 -10.74
C PHE A 134 -7.75 24.65 -10.13
N ARG A 135 -6.58 24.59 -9.51
CA ARG A 135 -5.98 25.77 -8.91
C ARG A 135 -5.87 26.87 -10.01
N PRO A 136 -5.26 26.55 -11.19
CA PRO A 136 -5.19 27.62 -12.18
C PRO A 136 -6.54 28.24 -12.57
N VAL A 137 -7.46 27.46 -13.13
CA VAL A 137 -8.75 28.01 -13.56
C VAL A 137 -9.28 29.04 -12.54
N MET A 138 -9.05 28.76 -11.25
CA MET A 138 -9.48 29.66 -10.18
C MET A 138 -8.96 31.08 -10.48
N MET A 139 -7.64 31.35 -10.24
CA MET A 139 -7.19 32.68 -10.72
C MET A 139 -6.61 32.50 -12.12
N GLY A 140 -7.46 32.93 -13.01
CA GLY A 140 -7.37 32.96 -14.50
C GLY A 140 -6.02 32.63 -15.21
N ALA A 141 -4.92 33.22 -14.76
CA ALA A 141 -3.59 33.04 -15.44
C ALA A 141 -3.16 31.56 -15.47
N TRP A 142 -3.41 30.89 -16.65
CA TRP A 142 -3.01 29.51 -16.89
C TRP A 142 -1.50 29.39 -17.02
N GLY A 143 -0.81 29.85 -16.00
CA GLY A 143 0.63 29.80 -15.94
C GLY A 143 0.89 29.24 -14.55
N TYR A 144 0.00 29.59 -13.61
CA TYR A 144 0.05 29.19 -12.19
C TYR A 144 0.14 27.65 -12.02
N ALA A 145 -0.04 26.96 -13.14
CA ALA A 145 0.00 25.50 -13.24
C ALA A 145 1.46 25.06 -13.17
N PHE A 146 1.89 24.14 -14.03
CA PHE A 146 3.28 23.67 -14.01
C PHE A 146 3.71 23.13 -15.36
N PRO A 147 4.97 23.33 -15.71
CA PRO A 147 5.52 22.88 -16.99
C PRO A 147 5.99 21.48 -16.89
N TYR A 148 5.52 20.64 -17.82
CA TYR A 148 5.97 19.26 -17.87
C TYR A 148 7.41 19.23 -18.36
N GLY A 149 8.35 19.05 -17.43
CA GLY A 149 9.76 18.98 -17.77
C GLY A 149 10.41 18.37 -16.53
N ILE A 150 11.34 17.44 -16.68
CA ILE A 150 11.99 16.78 -15.54
C ILE A 150 12.73 17.70 -14.54
N TRP A 151 13.98 18.05 -14.81
CA TRP A 151 14.73 18.93 -13.93
C TRP A 151 14.14 20.34 -13.75
N THR A 152 13.06 20.65 -14.55
CA THR A 152 12.52 22.01 -14.43
C THR A 152 11.20 22.01 -13.57
N HIS A 153 10.54 20.84 -13.32
CA HIS A 153 9.28 20.88 -12.51
C HIS A 153 9.56 20.84 -11.02
N LEU A 154 10.78 20.57 -10.66
CA LEU A 154 11.22 20.66 -9.29
C LEU A 154 11.30 22.16 -8.94
N ASP A 155 11.77 22.95 -9.91
CA ASP A 155 11.93 24.39 -9.79
C ASP A 155 10.57 25.07 -9.50
N TRP A 156 9.49 24.68 -10.17
CA TRP A 156 8.18 25.29 -9.87
C TRP A 156 7.88 25.06 -8.40
N VAL A 157 7.96 23.81 -7.96
CA VAL A 157 7.72 23.40 -6.58
C VAL A 157 8.40 24.36 -5.62
N SER A 158 9.66 24.70 -5.90
CA SER A 158 10.37 25.63 -5.05
C SER A 158 9.94 27.09 -5.24
N ASN A 159 9.90 27.56 -6.48
CA ASN A 159 9.52 28.96 -6.82
C ASN A 159 8.11 29.33 -6.33
N THR A 160 7.29 28.33 -6.02
CA THR A 160 5.94 28.61 -5.51
C THR A 160 5.92 28.24 -4.05
N GLY A 161 6.77 27.29 -3.70
CA GLY A 161 6.86 26.90 -2.32
C GLY A 161 7.23 28.13 -1.50
N TYR A 162 8.44 28.63 -1.70
CA TYR A 162 8.90 29.79 -0.96
C TYR A 162 8.11 31.12 -1.25
N THR A 163 7.24 31.14 -2.26
CA THR A 163 6.46 32.34 -2.54
C THR A 163 5.63 32.58 -1.28
N TYR A 164 5.44 31.52 -0.49
CA TYR A 164 4.65 31.59 0.73
C TYR A 164 5.42 31.53 2.05
N GLY A 165 6.74 31.62 1.98
CA GLY A 165 7.55 31.57 3.19
C GLY A 165 8.15 30.19 3.31
N ASN A 166 8.02 29.56 4.47
CA ASN A 166 8.58 28.22 4.63
C ASN A 166 7.35 27.33 4.64
N PHE A 167 6.99 26.83 3.46
CA PHE A 167 5.79 25.98 3.29
C PHE A 167 5.50 24.98 4.36
N HIS A 168 6.52 24.60 5.02
CA HIS A 168 6.46 23.70 6.17
C HIS A 168 5.31 24.09 7.08
N TYR A 169 5.40 25.34 7.54
CA TYR A 169 4.47 25.93 8.48
C TYR A 169 3.03 25.87 7.98
N ASN A 170 2.88 25.83 6.67
CA ASN A 170 1.58 25.72 6.00
C ASN A 170 0.90 24.47 6.56
N PRO A 171 -0.41 24.52 6.82
CA PRO A 171 -1.14 23.41 7.45
C PRO A 171 -1.06 22.11 6.65
N ALA A 172 -2.14 21.78 5.95
CA ALA A 172 -2.21 20.56 5.17
C ALA A 172 -0.87 19.85 5.10
N HIS A 173 0.14 20.47 4.46
CA HIS A 173 1.48 19.87 4.37
C HIS A 173 1.72 18.98 5.61
N MET A 174 1.61 19.62 6.76
CA MET A 174 1.85 18.94 8.01
C MET A 174 1.10 17.64 8.26
N ILE A 175 -0.22 17.67 8.30
CA ILE A 175 -1.00 16.44 8.52
C ILE A 175 -0.95 15.54 7.28
N ALA A 176 -0.88 16.14 6.09
CA ALA A 176 -0.77 15.39 4.84
C ALA A 176 0.56 14.62 4.78
N ILE A 177 1.65 15.24 5.25
CA ILE A 177 2.99 14.62 5.28
C ILE A 177 2.96 13.44 6.25
N SER A 178 2.24 13.62 7.36
CA SER A 178 2.07 12.58 8.38
C SER A 178 1.55 11.25 7.78
N PHE A 179 0.51 11.31 6.96
CA PHE A 179 0.01 10.09 6.34
C PHE A 179 1.04 9.54 5.31
N PHE A 180 1.72 10.41 4.58
CA PHE A 180 2.72 9.95 3.59
C PHE A 180 3.79 9.18 4.32
N PHE A 181 4.20 9.74 5.45
CA PHE A 181 5.20 9.11 6.28
C PHE A 181 4.63 7.76 6.75
N THR A 182 3.62 7.83 7.61
CA THR A 182 2.93 6.69 8.19
C THR A 182 2.58 5.57 7.16
N ASN A 183 2.62 5.87 5.87
CA ASN A 183 2.35 4.85 4.90
C ASN A 183 3.44 3.84 4.97
N ALA A 184 4.66 4.36 4.87
CA ALA A 184 5.86 3.51 4.93
C ALA A 184 5.79 2.64 6.20
N LEU A 185 5.63 3.27 7.36
CA LEU A 185 5.56 2.51 8.62
C LEU A 185 4.74 1.24 8.35
N ALA A 186 3.50 1.43 7.96
CA ALA A 186 2.64 0.30 7.67
C ALA A 186 3.35 -0.74 6.79
N LEU A 187 3.47 -0.23 5.53
CA LEU A 187 3.99 -1.35 4.71
C LEU A 187 5.25 -2.04 5.28
N ALA A 188 6.25 -1.22 5.62
CA ALA A 188 7.53 -1.70 6.14
C ALA A 188 7.26 -2.89 7.06
N LEU A 189 6.44 -2.60 8.07
CA LEU A 189 6.06 -3.57 9.06
C LEU A 189 5.39 -4.78 8.37
N HIS A 190 4.31 -4.57 7.56
CA HIS A 190 3.61 -5.66 6.83
C HIS A 190 4.56 -6.33 5.86
N GLY A 191 5.64 -5.62 5.50
CA GLY A 191 6.58 -6.13 4.51
C GLY A 191 7.46 -7.22 5.06
N ALA A 192 7.67 -7.16 6.36
CA ALA A 192 8.48 -8.15 7.04
C ALA A 192 7.53 -9.20 7.63
N LEU A 193 6.53 -8.70 8.32
CA LEU A 193 5.52 -9.46 9.01
C LEU A 193 5.08 -10.83 8.40
N VAL A 194 5.06 -10.97 7.08
CA VAL A 194 4.67 -12.25 6.51
C VAL A 194 5.89 -13.00 6.01
N LEU A 195 6.89 -12.31 5.49
CA LEU A 195 8.08 -13.00 5.01
C LEU A 195 8.78 -13.67 6.19
N SER A 196 8.51 -13.11 7.36
CA SER A 196 9.04 -13.57 8.65
C SER A 196 8.33 -14.87 8.96
N ALA A 197 7.03 -14.84 8.75
CA ALA A 197 6.18 -15.98 8.95
C ALA A 197 6.55 -17.01 7.89
N ALA A 198 6.21 -16.72 6.63
CA ALA A 198 6.50 -17.59 5.51
C ALA A 198 7.87 -18.25 5.57
N ASN A 199 8.85 -17.53 6.12
CA ASN A 199 10.21 -18.03 6.27
C ASN A 199 10.71 -17.78 7.71
N PRO A 200 10.60 -18.79 8.60
CA PRO A 200 11.03 -18.71 10.00
C PRO A 200 12.46 -19.18 10.11
N GLU A 201 13.08 -19.08 11.31
CA GLU A 201 14.45 -19.60 11.46
C GLU A 201 14.47 -21.09 11.04
N LYS A 202 15.61 -21.50 10.50
CA LYS A 202 15.90 -22.90 9.97
C LYS A 202 14.90 -24.02 10.37
N GLY A 203 14.81 -24.99 9.46
CA GLY A 203 13.97 -26.22 9.55
C GLY A 203 12.86 -26.19 10.62
N LYS A 204 12.21 -25.06 10.71
CA LYS A 204 11.10 -24.84 11.65
C LYS A 204 9.82 -24.87 10.81
N GLU A 205 8.67 -24.53 11.35
CA GLU A 205 7.37 -24.51 10.63
C GLU A 205 6.98 -23.13 10.04
N MET A 206 6.29 -23.15 8.92
CA MET A 206 5.84 -21.93 8.26
C MET A 206 4.88 -21.14 9.19
N ARG A 207 5.43 -20.37 10.13
CA ARG A 207 4.62 -19.57 11.06
C ARG A 207 3.41 -18.97 10.31
N THR A 208 2.25 -19.36 10.83
CA THR A 208 0.90 -19.05 10.33
C THR A 208 0.17 -17.80 10.93
N PRO A 209 -1.00 -17.42 10.35
CA PRO A 209 -1.73 -16.25 10.85
C PRO A 209 -1.63 -15.86 12.31
N ASP A 210 -2.03 -16.77 13.19
CA ASP A 210 -2.00 -16.55 14.63
C ASP A 210 -0.72 -15.84 15.11
N HIS A 211 0.42 -16.34 14.64
CA HIS A 211 1.73 -15.80 14.99
C HIS A 211 1.87 -14.32 14.56
N GLU A 212 1.43 -14.00 13.34
CA GLU A 212 1.45 -12.62 12.88
C GLU A 212 0.70 -11.86 13.99
N ASP A 213 -0.56 -12.26 14.16
CA ASP A 213 -1.50 -11.69 15.13
C ASP A 213 -1.02 -11.69 16.57
N THR A 214 -0.11 -12.58 16.90
CA THR A 214 0.43 -12.58 18.25
C THR A 214 1.58 -11.56 18.22
N PHE A 215 2.71 -11.89 17.57
CA PHE A 215 3.90 -11.01 17.48
C PHE A 215 3.57 -9.53 17.74
N PHE A 216 2.75 -8.94 16.87
CA PHE A 216 2.33 -7.54 17.04
C PHE A 216 1.65 -7.28 18.39
N ARG A 217 0.70 -8.13 18.77
CA ARG A 217 0.06 -7.98 20.08
C ARG A 217 1.19 -8.04 21.11
N ASP A 218 2.05 -9.02 20.88
CA ASP A 218 3.20 -9.31 21.73
C ASP A 218 4.31 -8.28 21.63
N LEU A 219 4.08 -7.15 20.94
CA LEU A 219 5.08 -6.07 20.82
C LEU A 219 4.43 -4.69 21.05
N VAL A 220 3.51 -4.29 20.16
CA VAL A 220 2.76 -3.02 20.21
C VAL A 220 1.67 -3.12 21.28
N GLY A 221 1.21 -4.35 21.50
CA GLY A 221 0.15 -4.59 22.44
C GLY A 221 -1.13 -4.50 21.63
N TYR A 222 -1.01 -4.87 20.36
CA TYR A 222 -2.11 -4.83 19.40
C TYR A 222 -1.70 -5.40 18.03
N SER A 223 -2.67 -5.89 17.28
CA SER A 223 -2.48 -6.44 15.92
C SER A 223 -3.88 -6.34 15.29
N ILE A 224 -4.04 -5.81 14.09
CA ILE A 224 -5.40 -5.75 13.54
C ILE A 224 -5.88 -6.92 12.65
N GLY A 225 -5.29 -8.10 12.83
CA GLY A 225 -5.67 -9.27 12.06
C GLY A 225 -5.12 -9.27 10.63
N THR A 226 -5.71 -10.06 9.74
CA THR A 226 -5.26 -10.07 8.36
C THR A 226 -6.04 -9.18 7.35
N LEU A 227 -7.34 -8.89 7.55
CA LEU A 227 -8.03 -8.01 6.59
C LEU A 227 -7.73 -6.60 7.02
N GLY A 228 -7.62 -6.43 8.33
CA GLY A 228 -7.37 -5.12 8.91
C GLY A 228 -6.27 -4.25 8.32
N ILE A 229 -5.06 -4.78 8.17
CA ILE A 229 -4.00 -3.98 7.64
C ILE A 229 -4.12 -3.79 6.13
N HIS A 230 -4.74 -4.74 5.48
CA HIS A 230 -4.86 -4.51 4.04
C HIS A 230 -5.98 -3.46 3.81
N ARG A 231 -6.71 -3.05 4.88
CA ARG A 231 -7.70 -1.96 4.81
C ARG A 231 -6.96 -0.63 4.85
N LEU A 232 -6.16 -0.46 5.90
CA LEU A 232 -5.36 0.76 6.06
C LEU A 232 -4.67 1.08 4.72
N GLY A 233 -4.27 0.01 4.05
CA GLY A 233 -3.58 0.08 2.77
C GLY A 233 -3.92 1.23 1.85
N LEU A 234 -5.20 1.48 1.66
CA LEU A 234 -5.65 2.57 0.83
C LEU A 234 -5.62 3.74 1.81
N LEU A 235 -6.67 3.77 2.63
CA LEU A 235 -6.90 4.81 3.63
C LEU A 235 -5.69 5.61 4.07
N LEU A 236 -4.68 4.95 4.58
CA LEU A 236 -3.49 5.64 5.02
C LEU A 236 -2.88 6.44 3.85
N SER A 237 -2.29 5.76 2.87
CA SER A 237 -1.67 6.41 1.69
C SER A 237 -2.59 7.29 0.84
N LEU A 238 -3.74 6.74 0.53
CA LEU A 238 -4.70 7.44 -0.27
C LEU A 238 -5.17 8.71 0.46
N SER A 239 -5.56 8.63 1.72
CA SER A 239 -5.97 9.84 2.42
C SER A 239 -4.81 10.87 2.38
N ALA A 240 -3.58 10.38 2.36
CA ALA A 240 -2.43 11.26 2.27
C ALA A 240 -2.63 12.08 0.99
N VAL A 241 -2.73 11.37 -0.13
CA VAL A 241 -2.94 11.99 -1.45
C VAL A 241 -4.14 12.98 -1.44
N PHE A 242 -5.27 12.59 -0.84
CA PHE A 242 -6.40 13.50 -0.72
C PHE A 242 -5.83 14.74 -0.02
N PHE A 243 -5.60 14.64 1.29
CA PHE A 243 -5.09 15.73 2.12
C PHE A 243 -3.98 16.57 1.46
N SER A 244 -3.11 15.91 0.72
CA SER A 244 -2.03 16.60 0.05
C SER A 244 -2.65 17.70 -0.83
N ALA A 245 -3.55 17.30 -1.74
CA ALA A 245 -4.21 18.26 -2.62
C ALA A 245 -4.84 19.44 -1.91
N LEU A 246 -5.25 19.28 -0.65
CA LEU A 246 -5.85 20.42 0.06
C LEU A 246 -4.76 21.49 0.19
N CYS A 247 -3.55 21.04 0.49
CA CYS A 247 -2.33 21.85 0.67
C CYS A 247 -2.17 22.98 -0.35
N MET A 248 -2.65 22.75 -1.56
CA MET A 248 -2.55 23.77 -2.62
C MET A 248 -3.84 24.54 -3.01
N ILE A 249 -4.84 23.83 -3.52
CA ILE A 249 -6.08 24.45 -3.94
C ILE A 249 -6.50 25.57 -2.98
N ILE A 250 -6.13 25.44 -1.71
CA ILE A 250 -6.44 26.47 -0.73
C ILE A 250 -5.51 27.68 -0.83
N THR A 251 -4.20 27.48 -0.64
CA THR A 251 -3.20 28.56 -0.69
C THR A 251 -3.42 29.74 -1.64
N GLY A 252 -3.78 29.46 -2.88
CA GLY A 252 -4.09 30.55 -3.79
C GLY A 252 -5.16 31.55 -3.34
N THR A 253 -5.89 30.96 -2.98
CA THR A 253 -7.11 31.75 -2.81
C THR A 253 -7.66 32.01 -1.37
N ILE A 254 -7.93 30.97 -0.58
CA ILE A 254 -8.44 31.17 0.79
C ILE A 254 -7.49 32.05 1.63
N TRP A 255 -6.20 32.02 1.29
CA TRP A 255 -5.17 32.74 2.06
C TRP A 255 -3.99 33.13 1.16
N PHE A 256 -3.77 34.43 0.96
CA PHE A 256 -2.69 34.91 0.06
C PHE A 256 -1.29 35.17 0.63
N ASP A 257 -1.19 36.12 1.55
CA ASP A 257 0.11 36.46 2.13
C ASP A 257 0.79 35.37 2.98
N GLN A 258 2.11 35.36 2.88
CA GLN A 258 3.03 34.47 3.59
C GLN A 258 2.50 33.68 4.78
N TRP A 259 2.78 32.33 4.79
CA TRP A 259 2.39 31.56 5.98
C TRP A 259 3.32 31.99 7.16
N VAL A 260 3.18 31.27 8.25
CA VAL A 260 3.88 31.50 9.54
C VAL A 260 3.02 32.53 10.31
N ASP A 261 2.15 33.22 9.56
CA ASP A 261 1.25 34.22 10.14
C ASP A 261 -0.15 33.65 10.41
N TRP A 262 -0.46 32.45 9.91
CA TRP A 262 -1.77 31.90 10.27
C TRP A 262 -1.68 31.49 11.75
N TRP A 263 -0.81 30.53 11.99
CA TRP A 263 -0.63 29.98 13.34
C TRP A 263 -0.33 31.07 14.39
N GLN A 264 -0.21 32.32 13.98
CA GLN A 264 -0.09 33.48 14.84
C GLN A 264 -1.40 33.77 15.60
N TRP A 265 -2.58 33.25 15.10
CA TRP A 265 -3.88 33.50 15.75
C TRP A 265 -3.93 32.80 17.12
N TRP A 266 -3.58 31.53 17.22
CA TRP A 266 -3.59 30.82 18.48
C TRP A 266 -2.75 31.63 19.47
N VAL A 267 -1.57 32.03 19.01
CA VAL A 267 -0.58 32.82 19.76
C VAL A 267 -1.14 34.11 20.42
N LYS A 268 -2.31 34.56 19.96
CA LYS A 268 -2.92 35.78 20.46
C LYS A 268 -4.25 35.73 21.26
N LEU A 269 -5.14 34.78 20.98
CA LEU A 269 -6.44 34.72 21.72
C LEU A 269 -6.52 35.43 23.10
N PRO A 270 -7.53 36.31 23.29
CA PRO A 270 -7.68 37.07 24.54
C PRO A 270 -7.00 36.64 25.84
N TRP A 271 -7.57 35.64 26.48
CA TRP A 271 -7.05 35.16 27.73
C TRP A 271 -5.49 35.03 27.69
N TRP A 272 -5.00 34.33 26.63
CA TRP A 272 -3.59 34.28 26.28
C TRP A 272 -3.23 35.61 25.63
N ALA A 273 -2.25 36.38 26.11
CA ALA A 273 -1.95 37.69 25.52
C ALA A 273 -2.38 37.91 24.05
N ALA B 1 -23.32 0.96 2.97
CA ALA B 1 -23.38 -0.43 2.39
C ALA B 1 -22.07 -1.16 2.64
N GLU B 2 -21.93 -2.34 2.05
CA GLU B 2 -20.71 -3.17 2.23
C GLU B 2 -20.40 -3.99 0.97
N TYR B 3 -21.04 -3.69 -0.17
CA TYR B 3 -20.72 -4.47 -1.38
C TYR B 3 -19.24 -4.21 -1.75
N GLN B 4 -18.68 -3.04 -1.36
CA GLN B 4 -17.24 -2.72 -1.36
C GLN B 4 -16.76 -2.81 0.11
N ASN B 5 -15.96 -3.83 0.33
CA ASN B 5 -15.38 -4.31 1.64
C ASN B 5 -14.71 -3.28 2.65
N ILE B 6 -15.06 -1.99 2.64
CA ILE B 6 -14.40 -1.02 3.58
C ILE B 6 -14.67 -1.37 5.07
N PHE B 7 -15.73 -0.84 5.75
CA PHE B 7 -16.06 -1.08 7.16
C PHE B 7 -16.83 -2.43 7.33
N SER B 8 -16.59 -3.15 8.42
CA SER B 8 -17.24 -4.44 8.68
C SER B 8 -18.78 -4.45 8.89
N GLN B 9 -19.43 -5.39 8.21
CA GLN B 9 -20.88 -5.61 8.21
C GLN B 9 -21.50 -6.02 9.56
N VAL B 10 -21.01 -7.10 10.17
CA VAL B 10 -21.56 -7.58 11.45
C VAL B 10 -20.47 -7.77 12.54
N GLN B 11 -20.89 -7.56 13.78
CA GLN B 11 -20.06 -7.55 14.99
C GLN B 11 -19.90 -8.83 15.84
N VAL B 12 -19.09 -9.79 15.40
CA VAL B 12 -18.94 -11.01 16.21
C VAL B 12 -17.72 -10.88 17.10
N ARG B 13 -17.92 -11.15 18.40
CA ARG B 13 -16.85 -11.10 19.40
C ARG B 13 -16.92 -12.38 20.25
N GLY B 14 -15.79 -12.80 20.80
CA GLY B 14 -15.78 -14.02 21.60
C GLY B 14 -14.83 -13.97 22.79
N PRO B 15 -14.55 -15.11 23.44
CA PRO B 15 -13.65 -15.19 24.60
C PRO B 15 -12.24 -14.88 24.21
N ALA B 16 -11.77 -13.77 24.70
CA ALA B 16 -10.43 -13.36 24.44
C ALA B 16 -9.50 -14.37 25.10
N ASP B 17 -8.91 -15.26 24.32
CA ASP B 17 -7.97 -16.20 24.89
C ASP B 17 -6.54 -15.70 24.55
N LEU B 18 -5.73 -15.67 25.60
CA LEU B 18 -4.36 -15.20 25.59
C LEU B 18 -3.59 -15.43 24.28
N GLY B 19 -3.47 -16.67 23.83
CA GLY B 19 -2.81 -16.88 22.57
C GLY B 19 -1.65 -17.86 22.43
N MET B 20 -0.51 -17.31 22.11
CA MET B 20 0.66 -18.12 21.88
C MET B 20 1.68 -18.35 22.99
N THR B 21 1.90 -19.57 23.25
CA THR B 21 2.96 -20.05 24.14
C THR B 21 3.89 -20.91 23.32
N GLU B 22 5.10 -20.37 23.00
CA GLU B 22 5.89 -21.12 22.02
C GLU B 22 7.36 -21.35 22.51
N ASP B 23 7.84 -20.40 23.26
CA ASP B 23 9.20 -20.37 23.85
C ASP B 23 9.19 -19.18 24.77
N VAL B 24 8.42 -18.24 24.27
CA VAL B 24 8.19 -16.98 24.93
C VAL B 24 7.77 -17.27 26.36
N ASN B 25 8.57 -16.79 27.29
CA ASN B 25 8.30 -17.02 28.71
C ASN B 25 6.95 -16.37 29.05
N LEU B 26 5.89 -17.16 28.92
CA LEU B 26 4.51 -16.75 29.15
C LEU B 26 4.34 -15.91 30.42
N ALA B 27 5.27 -16.07 31.36
CA ALA B 27 5.25 -15.38 32.64
C ALA B 27 5.11 -13.87 32.64
N ASN B 28 5.25 -13.22 31.48
CA ASN B 28 5.12 -11.78 31.47
C ASN B 28 3.91 -11.21 30.73
N ARG B 29 3.28 -11.97 29.84
CA ARG B 29 2.12 -11.41 29.15
C ARG B 29 1.06 -11.01 30.19
N SER B 30 0.42 -9.86 29.99
CA SER B 30 -0.63 -9.41 30.89
C SER B 30 -1.94 -10.21 30.70
N GLY B 31 -3.02 -9.79 31.37
CA GLY B 31 -4.28 -10.52 31.30
C GLY B 31 -5.13 -10.33 30.05
N VAL B 32 -5.96 -9.30 30.05
CA VAL B 32 -6.83 -8.97 28.92
C VAL B 32 -7.25 -7.48 29.01
N GLY B 33 -7.00 -6.75 27.93
CA GLY B 33 -7.37 -5.34 27.85
C GLY B 33 -8.80 -5.26 27.35
N PRO B 34 -9.43 -4.09 27.35
CA PRO B 34 -10.82 -3.93 26.90
C PRO B 34 -11.06 -4.27 25.43
N PHE B 35 -12.27 -4.69 25.13
CA PHE B 35 -12.65 -4.98 23.75
C PHE B 35 -13.10 -3.61 23.26
N SER B 36 -13.13 -3.38 21.95
CA SER B 36 -13.56 -2.07 21.51
C SER B 36 -14.37 -2.09 20.24
N THR B 37 -15.66 -1.79 20.37
CA THR B 37 -16.61 -1.74 19.24
C THR B 37 -16.08 -0.82 18.13
N LEU B 38 -15.63 0.38 18.52
CA LEU B 38 -15.13 1.30 17.51
C LEU B 38 -13.99 0.64 16.71
N LEU B 39 -12.80 0.48 17.28
CA LEU B 39 -11.70 -0.13 16.53
C LEU B 39 -12.18 -1.42 15.87
N GLY B 40 -13.21 -2.02 16.46
CA GLY B 40 -13.77 -3.24 15.93
C GLY B 40 -14.33 -3.04 14.52
N TRP B 41 -15.01 -1.92 14.30
CA TRP B 41 -15.59 -1.62 13.00
C TRP B 41 -14.54 -1.58 11.90
N PHE B 42 -13.28 -1.35 12.28
CA PHE B 42 -12.20 -1.30 11.30
C PHE B 42 -11.61 -2.68 11.04
N GLY B 43 -11.05 -3.35 12.07
CA GLY B 43 -10.42 -4.65 11.83
C GLY B 43 -10.24 -5.59 13.06
N ASN B 44 -10.17 -5.08 14.30
CA ASN B 44 -9.96 -6.00 15.46
C ASN B 44 -10.16 -5.29 16.82
N ALA B 45 -11.32 -5.53 17.43
CA ALA B 45 -11.77 -4.88 18.68
C ALA B 45 -10.84 -4.92 19.95
N GLN B 46 -10.01 -5.95 20.12
CA GLN B 46 -9.21 -6.17 21.37
C GLN B 46 -8.23 -5.16 21.60
N LEU B 47 -7.91 -5.10 22.96
CA LEU B 47 -6.68 -4.43 23.57
C LEU B 47 -5.44 -5.32 23.35
N GLY B 48 -5.47 -6.46 24.04
CA GLY B 48 -4.51 -7.53 23.82
C GLY B 48 -3.27 -7.62 24.73
N PRO B 49 -2.64 -8.80 24.55
CA PRO B 49 -1.49 -9.32 25.32
C PRO B 49 -0.22 -8.45 25.36
N ILE B 50 -0.30 -7.30 26.01
CA ILE B 50 0.89 -6.49 26.24
C ILE B 50 1.83 -7.29 27.13
N TYR B 51 3.04 -7.55 26.64
CA TYR B 51 4.00 -8.43 27.34
C TYR B 51 5.13 -7.63 27.97
N LEU B 52 4.85 -6.94 29.09
CA LEU B 52 5.87 -6.17 29.78
C LEU B 52 6.97 -7.11 30.29
N GLY B 53 8.17 -7.00 29.71
CA GLY B 53 9.26 -7.91 30.06
C GLY B 53 10.54 -7.21 30.51
N SER B 54 11.65 -7.94 30.34
CA SER B 54 12.99 -7.53 30.76
C SER B 54 13.47 -6.20 30.15
N LEU B 55 14.15 -6.29 29.00
CA LEU B 55 14.73 -5.09 28.37
C LEU B 55 13.68 -4.09 27.90
N GLY B 56 12.42 -4.50 27.87
CA GLY B 56 11.36 -3.61 27.45
C GLY B 56 11.29 -2.40 28.39
N VAL B 57 10.93 -2.67 29.64
CA VAL B 57 10.83 -1.63 30.65
C VAL B 57 11.92 -0.57 30.47
N LEU B 58 13.16 -1.02 30.37
CA LEU B 58 14.33 -0.14 30.20
C LEU B 58 14.07 0.95 29.15
N SER B 59 13.53 0.56 28.01
CA SER B 59 13.25 1.50 26.93
C SER B 59 12.32 2.62 27.39
N LEU B 60 11.06 2.28 27.60
CA LEU B 60 10.05 3.26 28.01
C LEU B 60 10.51 4.11 29.19
N PHE B 61 11.38 3.59 30.06
CA PHE B 61 11.93 4.39 31.18
C PHE B 61 12.70 5.54 30.50
N SER B 62 13.79 5.21 29.82
CA SER B 62 14.59 6.21 29.13
C SER B 62 13.76 7.12 28.21
N GLY B 63 12.87 6.53 27.42
CA GLY B 63 12.04 7.32 26.55
C GLY B 63 11.17 8.32 27.30
N LEU B 64 10.45 7.88 28.34
CA LEU B 64 9.58 8.77 29.12
C LEU B 64 10.43 9.83 29.83
N MET B 65 11.71 9.51 29.97
CA MET B 65 12.65 10.39 30.62
C MET B 65 13.18 11.40 29.57
N TRP B 66 13.57 10.92 28.39
CA TRP B 66 14.03 11.75 27.28
C TRP B 66 13.00 12.84 27.10
N PHE B 67 11.76 12.41 27.31
CA PHE B 67 10.57 13.22 27.21
C PHE B 67 10.53 14.18 28.41
N PHE B 68 10.48 13.62 29.62
CA PHE B 68 10.44 14.42 30.86
C PHE B 68 11.44 15.58 30.84
N THR B 69 12.67 15.28 30.45
CA THR B 69 13.72 16.29 30.35
C THR B 69 13.25 17.43 29.45
N ILE B 70 13.03 17.13 28.18
CA ILE B 70 12.59 18.17 27.23
C ILE B 70 11.43 18.94 27.85
N GLY B 71 10.59 18.25 28.62
CA GLY B 71 9.47 18.87 29.30
C GLY B 71 9.95 19.85 30.35
N ILE B 72 10.79 19.38 31.25
CA ILE B 72 11.38 20.20 32.28
C ILE B 72 12.18 21.33 31.59
N TRP B 73 12.98 20.98 30.58
CA TRP B 73 13.77 21.93 29.81
C TRP B 73 12.91 22.91 29.01
N PHE B 74 11.67 22.51 28.75
CA PHE B 74 10.68 23.45 28.23
C PHE B 74 10.31 24.41 29.35
N TRP B 75 9.83 23.73 30.38
CA TRP B 75 9.37 24.42 31.58
C TRP B 75 10.43 25.39 32.20
N TYR B 76 11.53 24.83 32.74
CA TYR B 76 12.60 25.59 33.43
C TYR B 76 12.81 27.04 33.04
N GLN B 77 12.65 27.44 31.80
CA GLN B 77 12.84 28.87 31.50
C GLN B 77 11.52 29.49 30.96
N ALA B 78 10.70 28.61 30.41
CA ALA B 78 9.41 28.89 29.81
C ALA B 78 8.37 29.70 30.61
N GLY B 79 8.73 30.92 31.04
CA GLY B 79 7.82 31.77 31.81
C GLY B 79 6.79 30.89 32.48
N TRP B 80 7.31 29.99 33.31
CA TRP B 80 6.57 28.98 34.04
C TRP B 80 5.04 28.98 34.04
N ASN B 81 4.48 30.13 34.37
CA ASN B 81 3.03 30.34 34.40
C ASN B 81 2.38 29.38 33.39
N PRO B 82 1.78 28.28 33.87
CA PRO B 82 1.12 27.27 33.02
C PRO B 82 -0.21 27.84 32.52
N ALA B 83 -0.07 28.84 31.66
CA ALA B 83 -1.15 29.55 31.02
C ALA B 83 -0.55 29.87 29.64
N VAL B 84 0.78 29.82 29.56
CA VAL B 84 1.52 30.07 28.32
C VAL B 84 2.13 28.77 27.73
N PHE B 85 2.55 27.84 28.61
CA PHE B 85 3.11 26.55 28.18
C PHE B 85 2.30 25.99 27.02
N LEU B 86 0.98 26.03 27.16
CA LEU B 86 0.07 25.54 26.11
C LEU B 86 0.24 26.38 24.82
N ARG B 87 0.12 27.69 24.95
CA ARG B 87 0.27 28.68 23.87
C ARG B 87 1.57 28.51 23.06
N ASP B 88 2.68 28.82 23.71
CA ASP B 88 3.98 28.68 23.08
C ASP B 88 4.43 27.26 23.40
N LEU B 89 3.77 26.25 22.90
CA LEU B 89 4.25 24.85 22.97
C LEU B 89 5.06 24.59 21.73
N PHE B 90 4.52 25.18 20.65
CA PHE B 90 5.15 25.10 19.34
C PHE B 90 6.56 25.78 19.20
N PHE B 91 6.57 27.13 19.12
CA PHE B 91 7.83 27.88 19.09
C PHE B 91 8.59 27.68 20.38
N PHE B 92 9.10 26.52 20.68
CA PHE B 92 9.64 26.35 22.02
C PHE B 92 10.88 25.51 22.21
N SER B 93 11.60 25.31 21.17
CA SER B 93 12.78 24.45 21.14
C SER B 93 13.82 24.88 22.15
N LEU B 94 14.57 23.98 22.46
CA LEU B 94 15.77 24.13 23.26
C LEU B 94 16.91 23.46 22.49
N GLU B 95 17.44 24.34 21.60
CA GLU B 95 18.47 24.02 20.60
C GLU B 95 19.74 23.52 21.31
N PRO B 96 20.59 22.65 20.67
CA PRO B 96 21.81 22.08 21.25
C PRO B 96 22.88 23.15 21.46
N PRO B 97 24.10 22.77 21.91
CA PRO B 97 25.06 23.86 22.07
C PRO B 97 25.13 24.84 20.88
N ALA B 98 24.87 26.11 21.18
CA ALA B 98 24.94 27.14 20.16
C ALA B 98 26.39 27.34 19.73
N PRO B 99 27.26 27.90 20.60
CA PRO B 99 28.69 28.04 20.29
C PRO B 99 29.31 26.68 20.05
N GLU B 100 30.43 26.63 19.35
CA GLU B 100 31.06 25.35 19.03
C GLU B 100 32.24 25.02 19.96
N TYR B 101 32.00 24.13 20.92
CA TYR B 101 33.01 23.56 21.81
C TYR B 101 33.63 22.34 21.13
N GLY B 102 32.92 21.87 20.11
CA GLY B 102 33.26 20.66 19.42
C GLY B 102 32.52 19.59 20.21
N LEU B 103 32.56 18.34 19.77
CA LEU B 103 31.95 17.25 20.52
C LEU B 103 32.55 17.16 21.93
N SER B 104 32.11 18.06 22.80
CA SER B 104 32.59 18.16 24.17
C SER B 104 31.39 18.16 25.11
N PHE B 105 31.17 17.05 25.79
CA PHE B 105 30.06 16.86 26.74
C PHE B 105 30.11 17.89 27.91
N ALA B 106 31.20 18.65 27.97
CA ALA B 106 31.41 19.67 28.97
C ALA B 106 30.69 20.97 28.62
N ALA B 107 29.62 20.86 27.84
CA ALA B 107 28.81 22.01 27.43
C ALA B 107 27.70 22.15 28.50
N PRO B 108 27.67 23.27 29.24
CA PRO B 108 26.72 23.61 30.32
C PRO B 108 25.22 23.73 30.02
N LEU B 109 24.53 24.26 31.04
CA LEU B 109 23.10 24.52 31.07
C LEU B 109 22.50 25.30 29.87
N LYS B 110 22.72 26.62 29.85
CA LYS B 110 22.25 27.54 28.79
C LYS B 110 22.92 27.20 27.46
N GLU B 111 24.21 27.56 27.36
CA GLU B 111 25.04 27.30 26.20
C GLU B 111 24.98 25.79 26.02
N GLY B 112 24.00 25.40 25.23
CA GLY B 112 23.72 24.01 24.98
C GLY B 112 23.56 23.15 26.23
N GLY B 113 24.17 21.98 26.14
CA GLY B 113 24.10 21.05 27.23
C GLY B 113 22.96 20.08 27.00
N LEU B 114 21.71 20.54 27.23
CA LEU B 114 20.45 19.80 27.06
C LEU B 114 20.66 18.50 26.32
N TRP B 115 20.98 18.71 25.15
CA TRP B 115 21.17 17.69 24.13
C TRP B 115 21.92 16.49 24.70
N LEU B 116 23.20 16.57 24.93
CA LEU B 116 24.02 15.51 25.53
C LEU B 116 23.18 14.56 26.45
N ILE B 117 22.64 15.11 27.55
CA ILE B 117 21.83 14.32 28.50
C ILE B 117 20.66 13.66 27.75
N ALA B 118 19.69 14.48 27.30
CA ALA B 118 18.51 14.00 26.55
C ALA B 118 18.91 13.04 25.41
N SER B 119 19.65 13.53 24.43
CA SER B 119 20.11 12.74 23.32
C SER B 119 20.70 11.41 23.77
N PHE B 120 21.34 11.39 24.94
CA PHE B 120 21.95 10.17 25.45
C PHE B 120 20.88 9.11 25.65
N PHE B 121 19.83 9.48 26.37
CA PHE B 121 18.78 8.54 26.62
C PHE B 121 17.99 8.13 25.36
N MET B 122 17.68 9.05 24.46
CA MET B 122 16.97 8.67 23.25
C MET B 122 17.87 7.69 22.47
N PHE B 123 19.18 7.88 22.57
CA PHE B 123 20.11 6.99 21.90
C PHE B 123 19.84 5.58 22.44
N VAL B 124 19.66 5.43 23.76
CA VAL B 124 19.38 4.08 24.29
C VAL B 124 17.97 3.61 23.90
N ALA B 125 16.95 4.34 24.37
CA ALA B 125 15.54 4.02 24.10
C ALA B 125 15.31 3.20 22.80
N VAL B 126 15.52 3.85 21.67
CA VAL B 126 15.33 3.21 20.38
C VAL B 126 16.18 1.95 20.24
N TRP B 127 17.46 2.01 20.57
CA TRP B 127 18.31 0.83 20.45
C TRP B 127 17.80 -0.29 21.31
N SER B 128 17.29 0.02 22.48
CA SER B 128 16.74 -1.01 23.34
C SER B 128 15.39 -1.48 22.79
N TRP B 129 14.75 -0.64 21.97
CA TRP B 129 13.48 -1.03 21.34
C TRP B 129 13.83 -1.84 20.12
N TRP B 130 15.07 -1.73 19.65
CA TRP B 130 15.53 -2.53 18.52
C TRP B 130 15.74 -3.89 19.15
N GLY B 131 16.03 -3.83 20.45
CA GLY B 131 16.27 -5.03 21.22
C GLY B 131 15.08 -5.94 21.13
N ARG B 132 13.99 -5.49 21.73
CA ARG B 132 12.73 -6.24 21.74
C ARG B 132 12.56 -7.07 20.46
N THR B 133 12.24 -6.37 19.40
CA THR B 133 12.01 -6.90 18.07
C THR B 133 12.75 -8.16 17.66
N TYR B 134 13.89 -8.42 18.28
CA TYR B 134 14.72 -9.59 17.95
C TYR B 134 14.39 -10.74 18.88
N LEU B 135 14.48 -10.50 20.18
CA LEU B 135 14.17 -11.54 21.12
C LEU B 135 12.71 -11.97 20.91
N ARG B 136 11.83 -11.00 20.78
CA ARG B 136 10.42 -11.28 20.58
C ARG B 136 10.16 -11.99 19.24
N ALA B 137 11.11 -11.91 18.33
CA ALA B 137 10.98 -12.54 17.02
C ALA B 137 11.49 -13.99 17.16
N GLN B 138 12.49 -14.16 18.03
CA GLN B 138 13.16 -15.43 18.31
C GLN B 138 12.28 -16.40 19.12
N ALA B 139 11.47 -15.83 20.01
CA ALA B 139 10.53 -16.52 20.88
C ALA B 139 9.48 -17.46 20.21
N MET B 140 9.42 -17.47 18.82
CA MET B 140 8.54 -18.44 18.12
C MET B 140 9.14 -18.87 16.77
N GLY B 141 9.45 -17.90 15.99
CA GLY B 141 10.02 -18.07 14.66
C GLY B 141 10.27 -16.68 14.15
N MET B 142 9.29 -16.18 13.43
CA MET B 142 9.31 -14.81 12.89
C MET B 142 10.69 -14.39 12.40
N GLY B 143 11.25 -15.20 11.53
CA GLY B 143 12.59 -14.94 10.96
C GLY B 143 13.34 -13.89 11.79
N LYS B 144 13.57 -12.78 11.16
CA LYS B 144 14.27 -11.65 11.77
C LYS B 144 13.66 -10.33 11.23
N HIS B 145 13.45 -10.36 9.94
CA HIS B 145 12.93 -9.24 9.06
C HIS B 145 12.35 -7.98 9.76
N THR B 146 11.36 -8.14 10.62
CA THR B 146 10.72 -6.99 11.29
C THR B 146 11.75 -6.21 12.11
N ALA B 147 12.83 -6.83 12.57
CA ALA B 147 13.93 -6.17 13.25
C ALA B 147 14.89 -5.62 12.20
N TRP B 148 15.37 -6.48 11.31
CA TRP B 148 16.30 -6.06 10.27
C TRP B 148 15.77 -4.86 9.45
N ALA B 149 14.46 -4.79 9.25
CA ALA B 149 13.84 -3.69 8.52
C ALA B 149 13.95 -2.36 9.31
N PHE B 150 13.87 -2.45 10.64
CA PHE B 150 14.00 -1.25 11.50
C PHE B 150 15.43 -0.73 11.45
N LEU B 151 16.42 -1.61 11.27
CA LEU B 151 17.81 -1.13 11.24
C LEU B 151 17.87 0.03 10.27
N SER B 152 17.22 -0.13 9.12
CA SER B 152 17.24 0.92 8.10
C SER B 152 16.78 2.22 8.70
N ALA B 153 15.67 2.19 9.40
CA ALA B 153 15.15 3.40 10.02
C ALA B 153 16.11 4.02 11.06
N ILE B 154 16.58 3.18 11.97
CA ILE B 154 17.48 3.58 13.05
C ILE B 154 18.74 4.19 12.42
N TRP B 155 19.10 3.71 11.22
CA TRP B 155 20.27 4.21 10.47
C TRP B 155 20.19 5.73 10.15
N LEU B 156 19.20 6.18 9.38
CA LEU B 156 19.11 7.63 9.10
C LEU B 156 18.96 8.43 10.39
N TRP B 157 18.26 7.89 11.37
CA TRP B 157 18.07 8.55 12.65
C TRP B 157 19.44 8.87 13.24
N MET B 158 20.32 7.88 13.20
CA MET B 158 21.67 8.06 13.71
C MET B 158 22.48 8.98 12.75
N VAL B 159 22.28 8.80 11.45
CA VAL B 159 23.01 9.65 10.52
C VAL B 159 22.63 11.12 10.72
N LEU B 160 21.33 11.37 10.86
CA LEU B 160 20.78 12.72 11.00
C LEU B 160 21.15 13.45 12.33
N GLY B 161 21.39 12.70 13.40
CA GLY B 161 21.70 13.39 14.64
C GLY B 161 22.92 12.86 15.36
N PHE B 162 23.53 11.80 14.84
CA PHE B 162 24.72 11.24 15.51
C PHE B 162 25.94 11.16 14.60
N ILE B 163 25.93 10.24 13.65
CA ILE B 163 27.05 10.12 12.71
C ILE B 163 27.47 11.47 12.02
N ARG B 164 26.63 12.07 11.18
CA ARG B 164 27.05 13.31 10.54
C ARG B 164 27.64 14.38 11.43
N PRO B 165 27.00 14.73 12.56
CA PRO B 165 27.59 15.79 13.43
C PRO B 165 28.99 15.43 13.97
N ILE B 166 29.26 14.12 14.00
CA ILE B 166 30.50 13.54 14.49
C ILE B 166 31.60 13.66 13.41
N LEU B 167 31.17 13.90 12.17
CA LEU B 167 32.06 14.06 11.03
C LEU B 167 32.38 15.55 10.79
N MET B 168 31.48 16.44 11.20
CA MET B 168 31.73 17.87 11.04
C MET B 168 32.44 18.30 12.33
N GLY B 169 32.66 17.35 13.22
CA GLY B 169 33.27 17.70 14.49
C GLY B 169 32.45 18.73 15.26
N SER B 170 31.13 18.55 15.30
CA SER B 170 30.22 19.49 16.00
C SER B 170 28.73 19.05 16.10
N TRP B 171 28.20 18.97 17.31
CA TRP B 171 26.79 18.62 17.45
C TRP B 171 25.80 19.67 16.90
N SER B 172 26.13 20.97 16.95
CA SER B 172 25.20 22.00 16.44
C SER B 172 24.33 21.51 15.27
N GLU B 173 24.97 20.70 14.43
CA GLU B 173 24.36 20.07 13.28
C GLU B 173 23.57 18.86 13.86
N ALA B 174 22.60 19.11 14.82
CA ALA B 174 22.07 17.95 15.57
C ALA B 174 20.55 17.78 15.42
N VAL B 175 19.81 18.46 14.51
CA VAL B 175 18.36 18.32 14.29
C VAL B 175 17.67 18.13 15.65
N PRO B 176 17.88 19.12 16.55
CA PRO B 176 17.39 19.12 17.95
C PRO B 176 15.86 19.04 18.12
N TYR B 177 15.48 19.04 19.41
CA TYR B 177 14.10 18.84 19.84
C TYR B 177 13.27 20.12 19.95
N GLY B 178 11.97 19.87 19.94
CA GLY B 178 10.99 20.93 19.87
C GLY B 178 10.13 20.59 18.66
N ILE B 179 9.04 21.30 18.42
CA ILE B 179 8.23 20.98 17.26
C ILE B 179 8.61 21.88 16.08
N PHE B 180 8.09 23.10 16.10
CA PHE B 180 8.31 24.10 15.07
C PHE B 180 9.77 24.20 14.60
N SER B 181 10.70 24.15 15.54
CA SER B 181 12.09 24.26 15.21
C SER B 181 12.77 23.14 14.41
N HIS B 182 12.41 21.82 14.62
CA HIS B 182 13.10 20.80 13.81
C HIS B 182 12.70 20.94 12.36
N LEU B 183 11.49 21.45 12.23
CA LEU B 183 10.84 21.77 10.99
C LEU B 183 11.60 22.90 10.30
N ASP B 184 12.18 23.81 11.08
CA ASP B 184 12.93 24.94 10.52
C ASP B 184 14.43 24.58 10.23
N TRP B 185 15.06 23.80 11.10
CA TRP B 185 16.46 23.39 10.89
C TRP B 185 16.50 22.68 9.54
N THR B 186 15.48 21.88 9.31
CA THR B 186 15.39 21.13 8.08
C THR B 186 15.36 22.00 6.82
N ASN B 187 14.86 23.21 6.96
CA ASN B 187 14.78 24.08 5.81
C ASN B 187 16.13 24.66 5.47
N ASN B 188 16.75 25.45 6.33
CA ASN B 188 18.04 25.97 5.88
C ASN B 188 19.24 25.00 5.83
N PHE B 189 18.97 23.72 6.08
CA PHE B 189 19.99 22.67 5.97
C PHE B 189 20.31 22.55 4.48
N SER B 190 19.27 22.68 3.66
CA SER B 190 19.42 22.62 2.21
C SER B 190 19.87 23.99 1.66
N LEU B 191 19.32 25.06 2.25
CA LEU B 191 19.60 26.45 1.88
C LEU B 191 20.93 26.97 2.44
N VAL B 192 21.95 26.13 2.44
CA VAL B 192 23.32 26.42 2.92
C VAL B 192 24.15 25.30 2.30
N HIS B 193 23.45 24.24 1.89
CA HIS B 193 24.06 23.08 1.25
C HIS B 193 23.71 23.06 -0.25
N GLY B 194 23.21 24.20 -0.74
CA GLY B 194 22.84 24.36 -2.14
C GLY B 194 21.55 23.64 -2.53
N ASN B 195 20.46 24.38 -2.75
CA ASN B 195 19.14 23.78 -3.08
C ASN B 195 19.11 22.27 -3.31
N LEU B 196 18.88 21.55 -2.21
CA LEU B 196 18.88 20.09 -2.14
C LEU B 196 18.20 19.26 -3.22
N PHE B 197 17.17 19.81 -3.88
CA PHE B 197 16.49 19.04 -4.94
C PHE B 197 17.49 18.58 -6.02
N TYR B 198 18.65 19.24 -6.03
CA TYR B 198 19.76 18.99 -6.95
C TYR B 198 20.66 17.76 -6.60
N ASN B 199 20.58 17.28 -5.35
CA ASN B 199 21.33 16.12 -4.76
C ASN B 199 20.69 14.82 -5.26
N PRO B 200 21.51 13.91 -5.80
CA PRO B 200 21.02 12.64 -6.39
C PRO B 200 20.33 11.74 -5.38
N PHE B 201 20.79 11.80 -4.15
CA PHE B 201 20.23 10.95 -3.12
C PHE B 201 18.89 11.50 -2.62
N HIS B 202 18.76 12.76 -2.15
CA HIS B 202 17.44 13.23 -1.60
C HIS B 202 16.38 13.02 -2.69
N GLY B 203 16.84 13.00 -3.92
CA GLY B 203 15.97 12.79 -5.09
C GLY B 203 15.52 11.34 -5.16
N LEU B 204 16.44 10.37 -5.00
CA LEU B 204 15.99 8.98 -5.13
C LEU B 204 15.12 8.62 -3.94
N SER B 205 15.42 9.20 -2.78
CA SER B 205 14.67 8.97 -1.55
C SER B 205 13.18 9.37 -1.71
N ILE B 206 12.94 10.55 -2.26
CA ILE B 206 11.57 11.00 -2.50
C ILE B 206 10.86 10.11 -3.52
N ALA B 207 11.59 9.64 -4.51
CA ALA B 207 11.02 8.74 -5.53
C ALA B 207 10.58 7.43 -4.87
N PHE B 208 11.41 6.94 -3.96
CA PHE B 208 11.15 5.69 -3.24
C PHE B 208 10.06 5.93 -2.18
N LEU B 209 10.08 7.10 -1.51
CA LEU B 209 9.05 7.45 -0.51
C LEU B 209 7.70 7.40 -1.21
N TYR B 210 7.59 8.16 -2.29
CA TYR B 210 6.38 8.20 -3.12
C TYR B 210 6.04 6.77 -3.65
N GLY B 211 7.07 5.99 -3.91
CA GLY B 211 6.85 4.66 -4.44
C GLY B 211 6.13 3.77 -3.45
N SER B 212 6.37 3.98 -2.17
CA SER B 212 5.72 3.18 -1.14
C SER B 212 4.19 3.39 -0.97
N ALA B 213 3.75 4.65 -1.02
CA ALA B 213 2.32 5.01 -0.92
C ALA B 213 1.61 4.33 -2.10
N LEU B 214 2.33 4.25 -3.20
CA LEU B 214 1.86 3.63 -4.43
C LEU B 214 1.72 2.13 -4.19
N LEU B 215 2.80 1.47 -3.78
CA LEU B 215 2.69 0.03 -3.59
C LEU B 215 1.67 -0.41 -2.55
N PHE B 216 1.50 0.34 -1.44
CA PHE B 216 0.50 -0.07 -0.42
C PHE B 216 -0.93 0.26 -0.86
N ALA B 217 -1.07 1.31 -1.67
CA ALA B 217 -2.39 1.69 -2.20
C ALA B 217 -2.76 0.58 -3.23
N MET B 218 -1.74 0.02 -3.87
CA MET B 218 -1.98 -1.06 -4.81
C MET B 218 -2.28 -2.35 -4.04
N HIS B 219 -1.29 -2.92 -3.24
CA HIS B 219 -1.55 -4.13 -2.44
C HIS B 219 -2.92 -4.03 -1.77
N GLY B 220 -3.14 -2.98 -0.98
CA GLY B 220 -4.42 -2.86 -0.30
C GLY B 220 -5.59 -2.94 -1.28
N ALA B 221 -5.52 -2.14 -2.32
CA ALA B 221 -6.57 -2.11 -3.32
C ALA B 221 -6.82 -3.50 -3.93
N THR B 222 -5.70 -4.14 -4.32
CA THR B 222 -5.83 -5.45 -4.95
C THR B 222 -6.50 -6.45 -4.02
N ILE B 223 -6.22 -6.32 -2.75
CA ILE B 223 -6.76 -7.29 -1.80
C ILE B 223 -8.29 -7.11 -1.53
N LEU B 224 -8.76 -5.98 -0.98
CA LEU B 224 -10.24 -5.93 -0.65
C LEU B 224 -11.14 -6.25 -1.89
N ALA B 225 -10.61 -6.07 -3.11
CA ALA B 225 -11.38 -6.40 -4.33
C ALA B 225 -11.44 -7.93 -4.47
N VAL B 226 -10.27 -8.52 -4.24
CA VAL B 226 -10.14 -9.96 -4.25
C VAL B 226 -10.67 -10.59 -2.96
N SER B 227 -11.01 -9.80 -1.96
CA SER B 227 -11.56 -10.32 -0.70
C SER B 227 -13.04 -10.63 -0.88
N ARG B 228 -13.30 -11.68 -1.56
CA ARG B 228 -14.57 -12.34 -1.81
C ARG B 228 -14.33 -13.82 -1.55
N PHE B 229 -13.00 -14.23 -1.53
CA PHE B 229 -12.73 -15.67 -1.29
C PHE B 229 -11.29 -16.01 -0.87
N GLY B 230 -10.64 -15.31 0.05
CA GLY B 230 -9.32 -15.79 0.56
C GLY B 230 -8.09 -14.88 0.35
N GLY B 231 -8.20 -13.87 -0.47
CA GLY B 231 -7.06 -12.97 -0.69
C GLY B 231 -6.55 -12.48 0.67
N GLU B 232 -7.52 -12.06 1.43
CA GLU B 232 -7.32 -11.56 2.77
C GLU B 232 -6.37 -12.38 3.61
N ARG B 233 -6.36 -13.69 3.42
CA ARG B 233 -5.48 -14.62 4.16
C ARG B 233 -4.28 -14.95 3.28
N GLU B 234 -3.15 -14.28 3.52
CA GLU B 234 -2.02 -14.29 2.58
C GLU B 234 -1.17 -15.57 2.71
N LEU B 235 -0.54 -15.92 3.83
CA LEU B 235 0.29 -17.13 3.94
C LEU B 235 -0.28 -18.50 3.42
N GLU B 236 -1.48 -18.87 3.86
CA GLU B 236 -2.04 -20.13 3.43
C GLU B 236 -1.96 -20.20 1.93
N GLN B 237 -2.16 -19.06 1.28
CA GLN B 237 -2.10 -19.03 -0.17
C GLN B 237 -0.70 -19.16 -0.75
N ILE B 238 0.33 -18.82 0.04
CA ILE B 238 1.72 -18.96 -0.41
C ILE B 238 2.03 -20.46 -0.30
N ALA B 239 1.06 -21.25 0.18
CA ALA B 239 1.19 -22.70 0.35
C ALA B 239 0.16 -23.49 -0.43
N ASP B 240 -0.98 -22.88 -0.71
CA ASP B 240 -2.06 -23.50 -1.49
C ASP B 240 -2.89 -22.36 -2.12
N ARG B 241 -2.52 -22.01 -3.42
CA ARG B 241 -3.09 -20.78 -4.01
C ARG B 241 -4.39 -21.06 -4.82
N GLY B 242 -5.49 -20.50 -4.30
CA GLY B 242 -6.76 -20.52 -4.97
C GLY B 242 -6.86 -19.36 -5.96
N THR B 243 -8.08 -18.94 -6.28
CA THR B 243 -8.26 -17.86 -7.23
C THR B 243 -8.07 -16.47 -6.70
N ALA B 244 -8.03 -16.35 -5.38
CA ALA B 244 -7.77 -15.02 -4.83
C ALA B 244 -6.43 -14.64 -5.48
N ALA B 245 -5.43 -15.52 -5.34
CA ALA B 245 -4.10 -15.31 -5.89
C ALA B 245 -4.18 -15.21 -7.42
N GLU B 246 -4.55 -16.32 -8.04
CA GLU B 246 -4.66 -16.42 -9.49
C GLU B 246 -5.40 -15.24 -10.15
N ARG B 247 -6.57 -14.93 -9.65
CA ARG B 247 -7.35 -13.84 -10.22
C ARG B 247 -6.63 -12.50 -9.99
N ALA B 248 -6.07 -12.34 -8.80
CA ALA B 248 -5.34 -11.13 -8.47
C ALA B 248 -4.11 -11.02 -9.33
N ALA B 249 -3.59 -12.15 -9.77
CA ALA B 249 -2.40 -12.23 -10.61
C ALA B 249 -2.67 -11.73 -12.04
N LEU B 250 -3.69 -12.32 -12.65
CA LEU B 250 -4.07 -11.94 -13.99
C LEU B 250 -4.23 -10.42 -14.11
N PHE B 251 -5.05 -9.82 -13.24
CA PHE B 251 -5.32 -8.38 -13.25
C PHE B 251 -4.12 -7.55 -13.67
N TRP B 252 -2.97 -7.79 -13.07
CA TRP B 252 -1.82 -7.02 -13.49
C TRP B 252 -1.21 -7.54 -14.78
N ARG B 253 -1.10 -8.86 -14.89
CA ARG B 253 -0.56 -9.48 -16.09
C ARG B 253 -1.32 -8.88 -17.28
N TRP B 254 -2.55 -8.44 -17.05
CA TRP B 254 -3.29 -7.82 -18.11
C TRP B 254 -2.99 -6.31 -18.15
N THR B 255 -3.50 -5.53 -17.21
CA THR B 255 -3.25 -4.08 -17.23
C THR B 255 -1.83 -3.70 -17.69
N MET B 256 -0.80 -4.11 -16.92
CA MET B 256 0.58 -3.70 -17.24
C MET B 256 1.49 -4.79 -17.84
N GLY B 257 1.05 -6.06 -17.89
CA GLY B 257 1.83 -7.09 -18.61
C GLY B 257 2.85 -7.90 -17.77
N PHE B 258 2.78 -7.87 -16.44
CA PHE B 258 3.68 -8.69 -15.60
C PHE B 258 3.29 -8.52 -14.15
N ASN B 259 3.37 -9.59 -13.36
CA ASN B 259 2.92 -9.52 -11.99
C ASN B 259 3.72 -10.39 -11.02
N ALA B 260 3.33 -10.27 -9.75
CA ALA B 260 3.90 -11.04 -8.65
C ALA B 260 2.90 -12.11 -8.22
N THR B 261 2.94 -12.50 -6.95
CA THR B 261 1.97 -13.48 -6.44
C THR B 261 1.71 -13.26 -4.96
N MET B 262 2.34 -14.08 -4.12
CA MET B 262 2.16 -13.94 -2.68
C MET B 262 3.47 -13.58 -1.97
N GLU B 263 4.38 -14.52 -1.74
CA GLU B 263 5.64 -14.19 -1.05
C GLU B 263 6.30 -13.02 -1.77
N GLY B 264 6.28 -13.09 -3.10
CA GLY B 264 6.87 -12.05 -3.92
C GLY B 264 6.32 -10.67 -3.67
N ILE B 265 4.98 -10.54 -3.60
CA ILE B 265 4.33 -9.24 -3.38
C ILE B 265 4.89 -8.59 -2.13
N HIS B 266 5.08 -9.35 -1.05
CA HIS B 266 5.62 -8.65 0.12
C HIS B 266 7.17 -8.67 0.08
N ARG B 267 7.86 -9.55 -0.71
CA ARG B 267 9.33 -9.49 -0.84
C ARG B 267 9.69 -8.22 -1.67
N TRP B 268 8.76 -7.76 -2.52
CA TRP B 268 8.95 -6.52 -3.30
C TRP B 268 8.75 -5.38 -2.30
N ALA B 269 7.54 -5.32 -1.77
CA ALA B 269 7.06 -4.31 -0.81
C ALA B 269 7.99 -3.89 0.37
N ILE B 270 8.55 -4.85 1.08
CA ILE B 270 9.45 -4.58 2.19
C ILE B 270 10.61 -3.72 1.65
N TRP B 271 11.23 -4.19 0.58
CA TRP B 271 12.37 -3.49 -0.06
C TRP B 271 12.11 -2.04 -0.45
N MET B 272 11.00 -1.83 -1.16
CA MET B 272 10.55 -0.53 -1.65
C MET B 272 10.17 0.40 -0.48
N ALA B 273 9.70 -0.19 0.62
CA ALA B 273 9.35 0.56 1.82
C ALA B 273 10.55 0.82 2.74
N VAL B 274 11.54 -0.10 2.78
CA VAL B 274 12.77 0.10 3.59
C VAL B 274 13.76 1.09 2.90
N LEU B 275 14.02 0.89 1.62
CA LEU B 275 14.93 1.76 0.86
C LEU B 275 14.74 3.27 1.09
N VAL B 276 13.48 3.68 1.36
CA VAL B 276 13.08 5.07 1.62
C VAL B 276 14.06 5.74 2.58
N THR B 277 14.33 5.03 3.67
CA THR B 277 15.26 5.50 4.68
C THR B 277 16.72 5.22 4.27
N LEU B 278 17.06 3.97 3.99
CA LEU B 278 18.45 3.57 3.58
C LEU B 278 19.08 4.56 2.62
N THR B 279 18.57 4.58 1.40
CA THR B 279 19.03 5.46 0.33
C THR B 279 19.03 6.92 0.84
N GLY B 280 17.88 7.36 1.33
CA GLY B 280 17.75 8.72 1.83
C GLY B 280 18.78 9.10 2.87
N GLY B 281 19.23 8.13 3.63
CA GLY B 281 20.21 8.39 4.65
C GLY B 281 21.59 8.59 4.09
N ILE B 282 21.94 7.81 3.06
CA ILE B 282 23.28 7.88 2.46
C ILE B 282 23.58 9.29 1.96
N GLY B 283 22.61 9.92 1.32
CA GLY B 283 22.82 11.26 0.81
C GLY B 283 22.97 12.29 1.89
N ILE B 284 22.30 12.10 3.01
CA ILE B 284 22.40 13.06 4.09
C ILE B 284 23.74 12.95 4.84
N LEU B 285 24.47 11.87 4.57
CA LEU B 285 25.81 11.67 5.16
C LEU B 285 26.86 12.28 4.21
N LEU B 286 26.50 12.55 2.97
CA LEU B 286 27.49 13.11 2.05
C LEU B 286 27.47 14.63 2.03
N SER B 287 26.30 15.23 2.22
CA SER B 287 26.15 16.69 2.27
C SER B 287 27.05 17.30 3.37
N GLY B 288 27.58 18.49 3.13
CA GLY B 288 28.49 19.05 4.11
C GLY B 288 29.82 18.32 3.92
N THR B 289 30.12 17.43 4.86
CA THR B 289 31.33 16.61 4.88
C THR B 289 32.13 16.46 3.56
N VAL B 290 31.58 15.72 2.58
CA VAL B 290 32.22 15.48 1.28
C VAL B 290 31.60 16.28 0.09
N VAL B 291 30.77 17.28 0.39
CA VAL B 291 30.15 18.12 -0.65
C VAL B 291 29.33 19.34 -0.19
N ASP B 292 29.93 20.51 -0.39
CA ASP B 292 29.34 21.81 -0.09
C ASP B 292 28.60 22.17 -1.39
N ASN B 293 27.82 23.24 -1.36
CA ASN B 293 27.03 23.70 -2.50
C ASN B 293 26.69 22.64 -3.56
N TRP B 294 25.84 21.67 -3.19
CA TRP B 294 25.46 20.51 -4.02
C TRP B 294 25.49 20.86 -5.50
N TYR B 295 24.62 21.78 -5.89
CA TYR B 295 24.44 22.24 -7.27
C TYR B 295 25.72 22.07 -8.10
N VAL B 296 26.83 22.59 -7.60
CA VAL B 296 28.12 22.46 -8.30
C VAL B 296 28.43 21.04 -8.74
N TRP B 297 28.42 20.12 -7.78
CA TRP B 297 28.68 18.71 -8.05
C TRP B 297 27.84 18.33 -9.26
N GLY B 298 26.56 18.61 -9.14
CA GLY B 298 25.62 18.30 -10.20
C GLY B 298 25.99 18.96 -11.50
N GLN B 299 26.42 20.22 -11.40
CA GLN B 299 26.80 21.02 -12.56
C GLN B 299 27.97 20.41 -13.30
N ASN B 300 28.83 19.68 -12.60
CA ASN B 300 29.95 19.04 -13.26
C ASN B 300 29.48 17.79 -14.00
N HIS B 301 28.40 17.17 -13.51
CA HIS B 301 27.87 15.94 -14.10
C HIS B 301 26.79 16.11 -15.14
N GLY B 302 25.88 17.06 -14.91
CA GLY B 302 24.80 17.30 -15.85
C GLY B 302 23.54 17.97 -15.31
N MET B 303 23.20 17.68 -14.05
CA MET B 303 22.01 18.21 -13.37
C MET B 303 21.67 19.65 -13.79
N ALA B 304 21.03 19.70 -14.97
CA ALA B 304 20.59 20.88 -15.71
C ALA B 304 19.13 21.30 -15.32
N PRO B 305 18.68 22.50 -15.76
CA PRO B 305 17.31 23.07 -15.46
C PRO B 305 16.11 22.29 -16.07
N MET C 1 37.38 24.44 -2.86
CA MET C 1 36.68 23.12 -2.98
C MET C 1 35.19 23.38 -3.28
N VAL C 2 34.55 22.39 -3.92
CA VAL C 2 33.13 22.39 -4.25
C VAL C 2 32.77 20.94 -4.63
N GLY C 3 33.22 20.02 -3.77
CA GLY C 3 33.02 18.59 -3.97
C GLY C 3 34.37 17.94 -4.33
N VAL C 4 35.18 17.64 -3.32
CA VAL C 4 36.51 17.00 -3.46
C VAL C 4 36.43 15.89 -4.49
N THR C 5 37.52 15.69 -5.25
CA THR C 5 37.47 14.72 -6.33
C THR C 5 38.70 13.86 -6.59
N ALA C 6 38.45 12.65 -7.02
CA ALA C 6 39.44 11.70 -7.55
C ALA C 6 39.51 11.87 -9.09
N PHE C 7 40.11 10.88 -9.74
CA PHE C 7 40.30 10.82 -11.23
C PHE C 7 39.05 11.48 -11.95
N GLY C 8 39.40 12.40 -12.85
CA GLY C 8 38.47 13.20 -13.75
C GLY C 8 37.00 13.47 -13.25
N ASN C 9 36.87 14.44 -12.35
CA ASN C 9 35.58 14.94 -11.73
C ASN C 9 34.70 13.82 -11.10
N PHE C 10 35.26 12.62 -10.99
CA PHE C 10 34.53 11.50 -10.36
C PHE C 10 34.92 11.44 -8.85
N ASP C 11 34.13 12.22 -8.06
CA ASP C 11 34.21 12.46 -6.59
C ASP C 11 33.91 11.21 -5.78
N LEU C 12 34.01 11.33 -4.46
CA LEU C 12 33.66 10.19 -3.62
C LEU C 12 32.14 10.02 -3.69
N ALA C 13 31.43 11.15 -3.78
CA ALA C 13 29.98 11.15 -3.90
C ALA C 13 29.65 10.51 -5.27
N SER C 14 30.41 10.86 -6.29
CA SER C 14 30.15 10.28 -7.60
C SER C 14 30.31 8.75 -7.53
N LEU C 15 31.30 8.31 -6.77
CA LEU C 15 31.57 6.89 -6.61
C LEU C 15 30.35 6.20 -6.00
N ALA C 16 29.81 6.80 -4.96
CA ALA C 16 28.65 6.26 -4.28
C ALA C 16 27.47 5.95 -5.24
N ILE C 17 27.01 6.93 -6.01
CA ILE C 17 25.88 6.70 -6.94
C ILE C 17 26.13 5.67 -8.04
N TYR C 18 27.35 5.68 -8.69
CA TYR C 18 27.56 4.66 -9.74
C TYR C 18 27.44 3.28 -9.12
N SER C 19 27.99 3.14 -7.92
CA SER C 19 27.90 1.88 -7.18
C SER C 19 26.47 1.50 -6.85
N PHE C 20 25.65 2.47 -6.43
CA PHE C 20 24.24 2.22 -6.09
C PHE C 20 23.49 1.59 -7.24
N TRP C 21 23.47 2.24 -8.38
CA TRP C 21 22.81 1.71 -9.58
C TRP C 21 23.52 0.45 -10.13
N ILE C 22 24.74 0.17 -9.67
CA ILE C 22 25.51 -1.01 -10.09
C ILE C 22 24.89 -2.25 -9.44
N PHE C 23 24.49 -2.16 -8.15
CA PHE C 23 23.85 -3.32 -7.48
C PHE C 23 22.30 -3.28 -7.31
N LEU C 24 21.67 -2.12 -7.14
CA LEU C 24 20.19 -2.08 -7.07
C LEU C 24 19.65 -2.66 -8.38
N ALA C 25 20.26 -2.28 -9.51
CA ALA C 25 19.79 -2.79 -10.79
C ALA C 25 19.74 -4.31 -10.69
N GLY C 26 20.62 -4.83 -9.85
CA GLY C 26 20.67 -6.25 -9.61
C GLY C 26 19.55 -6.68 -8.66
N LEU C 27 19.20 -5.85 -7.68
CA LEU C 27 18.11 -6.21 -6.75
C LEU C 27 16.82 -6.51 -7.51
N ILE C 28 16.40 -5.62 -8.39
CA ILE C 28 15.19 -5.83 -9.16
C ILE C 28 15.27 -7.25 -9.76
N TYR C 29 16.37 -7.52 -10.45
CA TYR C 29 16.64 -8.81 -11.10
C TYR C 29 16.37 -10.02 -10.18
N TYR C 30 16.87 -9.94 -8.94
CA TYR C 30 16.72 -10.98 -7.92
C TYR C 30 15.27 -11.16 -7.50
N LEU C 31 14.66 -10.12 -6.93
CA LEU C 31 13.26 -10.23 -6.52
C LEU C 31 12.27 -10.57 -7.65
N GLN C 32 12.59 -10.15 -8.88
CA GLN C 32 11.76 -10.46 -10.05
C GLN C 32 11.89 -11.95 -10.31
N THR C 33 13.11 -12.48 -10.22
CA THR C 33 13.27 -13.94 -10.41
C THR C 33 12.50 -14.65 -9.30
N GLU C 34 12.76 -14.23 -8.06
CA GLU C 34 12.14 -14.77 -6.84
C GLU C 34 10.64 -14.63 -6.92
N ASN C 35 10.20 -13.67 -7.71
CA ASN C 35 8.80 -13.39 -7.85
C ASN C 35 8.04 -14.33 -8.74
N MET C 36 8.76 -14.96 -9.66
CA MET C 36 8.14 -15.88 -10.58
C MET C 36 8.25 -17.37 -10.19
N ARG C 37 8.32 -17.67 -8.88
CA ARG C 37 8.42 -19.07 -8.40
C ARG C 37 7.41 -20.01 -9.06
N GLU C 38 6.20 -19.51 -9.23
CA GLU C 38 5.11 -20.26 -9.80
C GLU C 38 4.84 -19.87 -11.26
N GLY C 39 3.78 -20.32 -11.81
CA GLY C 39 3.26 -19.99 -13.14
C GLY C 39 4.32 -20.17 -14.29
N TYR C 40 5.20 -19.17 -14.36
CA TYR C 40 6.26 -19.02 -15.42
C TYR C 40 6.97 -20.32 -15.86
N PRO C 41 7.14 -21.42 -15.13
CA PRO C 41 7.84 -22.56 -15.75
C PRO C 41 7.26 -23.07 -17.09
N LEU C 42 5.95 -23.47 -17.19
CA LEU C 42 5.47 -24.29 -18.35
C LEU C 42 4.19 -23.63 -18.95
N GLU C 43 4.41 -22.77 -20.01
CA GLU C 43 3.38 -22.14 -20.85
C GLU C 43 3.51 -22.66 -22.28
N ASN C 44 4.40 -23.66 -22.45
CA ASN C 44 4.68 -24.32 -23.74
C ASN C 44 4.21 -25.79 -23.73
N GLU C 45 3.69 -26.25 -24.86
CA GLU C 45 3.25 -27.63 -24.91
C GLU C 45 3.88 -28.43 -26.07
N ASP C 46 4.27 -29.66 -25.71
CA ASP C 46 4.94 -30.62 -26.59
C ASP C 46 4.15 -31.27 -27.72
N GLY C 47 3.05 -30.59 -28.08
CA GLY C 47 2.41 -31.06 -29.29
C GLY C 47 3.40 -30.88 -30.42
N THR C 48 4.26 -29.88 -30.16
CA THR C 48 5.40 -29.47 -31.02
C THR C 48 6.46 -28.80 -30.07
N PRO C 49 7.78 -29.06 -30.23
CA PRO C 49 8.87 -28.53 -29.34
C PRO C 49 9.09 -26.99 -29.29
N ALA C 50 10.38 -26.58 -29.04
CA ALA C 50 10.78 -25.16 -28.84
C ALA C 50 11.68 -24.57 -29.96
N ALA C 51 11.11 -23.48 -30.44
CA ALA C 51 11.57 -22.63 -31.57
C ALA C 51 10.79 -21.34 -31.36
N ASN C 52 9.62 -21.55 -30.79
CA ASN C 52 8.83 -20.57 -30.04
C ASN C 52 9.45 -20.55 -28.66
N GLN C 53 8.81 -20.26 -27.59
CA GLN C 53 9.57 -20.30 -26.30
C GLN C 53 8.74 -20.44 -25.02
N GLY C 54 9.51 -20.41 -23.94
CA GLY C 54 9.03 -20.52 -22.56
C GLY C 54 10.09 -19.79 -21.71
N PRO C 55 9.82 -18.56 -21.20
CA PRO C 55 10.84 -17.74 -20.51
C PRO C 55 11.51 -18.49 -19.34
N PHE C 56 12.81 -18.24 -19.07
CA PHE C 56 13.47 -19.03 -18.01
C PHE C 56 14.56 -18.34 -17.15
N PRO C 57 14.52 -17.05 -16.82
CA PRO C 57 15.49 -16.50 -15.84
C PRO C 57 15.20 -17.15 -14.46
N LEU C 58 14.28 -18.13 -14.49
CA LEU C 58 13.72 -18.86 -13.33
C LEU C 58 14.75 -19.45 -12.33
N PRO C 59 14.44 -19.22 -11.01
CA PRO C 59 15.26 -19.61 -9.80
C PRO C 59 15.37 -21.10 -9.37
N LYS C 60 16.33 -21.32 -8.40
CA LYS C 60 16.59 -22.62 -7.74
C LYS C 60 15.84 -22.66 -6.38
N PRO C 61 14.96 -23.66 -6.23
CA PRO C 61 14.00 -23.77 -5.12
C PRO C 61 14.51 -24.06 -3.71
N LYS C 62 13.50 -23.96 -2.84
CA LYS C 62 13.56 -24.29 -1.42
C LYS C 62 12.20 -24.91 -1.10
N THR C 63 11.92 -25.29 0.13
CA THR C 63 10.64 -25.98 0.35
C THR C 63 9.87 -25.45 1.56
N PHE C 64 8.61 -25.09 1.33
CA PHE C 64 7.73 -24.65 2.40
C PHE C 64 7.19 -25.85 3.15
N ILE C 65 7.65 -26.06 4.37
CA ILE C 65 7.16 -27.16 5.17
C ILE C 65 5.85 -26.73 5.88
N LEU C 66 4.72 -27.37 5.54
CA LEU C 66 3.39 -27.00 6.11
C LEU C 66 3.15 -27.53 7.55
N PRO C 67 3.04 -26.63 8.56
CA PRO C 67 2.76 -27.00 9.97
C PRO C 67 1.30 -27.39 10.25
N HIS C 68 1.05 -28.67 10.43
CA HIS C 68 -0.29 -29.18 10.76
C HIS C 68 -0.34 -30.67 10.37
N GLY C 69 0.82 -31.21 9.97
CA GLY C 69 0.95 -32.60 9.51
C GLY C 69 0.82 -32.63 8.00
N ARG C 70 0.86 -31.40 7.47
CA ARG C 70 0.70 -31.10 6.06
C ARG C 70 1.74 -31.77 5.17
N GLY C 71 3.01 -31.50 5.38
CA GLY C 71 4.01 -32.07 4.52
C GLY C 71 4.93 -31.01 3.96
N THR C 72 5.55 -31.35 2.85
CA THR C 72 6.52 -30.46 2.23
C THR C 72 6.10 -30.08 0.82
N LEU C 73 6.21 -28.79 0.51
CA LEU C 73 5.81 -28.29 -0.80
C LEU C 73 6.93 -27.52 -1.50
N THR C 74 7.14 -27.87 -2.76
CA THR C 74 8.11 -27.20 -3.62
C THR C 74 7.33 -26.39 -4.67
N VAL C 75 7.29 -25.07 -4.46
CA VAL C 75 6.44 -24.15 -5.23
C VAL C 75 6.89 -23.82 -6.67
N PRO C 76 8.13 -24.10 -7.12
CA PRO C 76 8.49 -23.84 -8.53
C PRO C 76 7.57 -24.57 -9.49
N GLY C 77 5.95 -24.26 -9.68
CA GLY C 77 4.74 -24.69 -10.38
C GLY C 77 4.94 -25.85 -11.37
N PRO C 78 5.13 -27.07 -10.87
CA PRO C 78 5.21 -28.27 -11.72
C PRO C 78 3.86 -28.52 -12.32
N GLU C 79 3.14 -27.42 -12.37
CA GLU C 79 1.73 -27.38 -12.71
C GLU C 79 1.26 -28.16 -13.90
N SER C 80 0.41 -29.05 -13.48
CA SER C 80 -0.47 -29.80 -14.29
C SER C 80 -1.77 -29.75 -13.54
N GLU C 81 -2.56 -28.83 -14.06
CA GLU C 81 -3.96 -28.74 -13.75
C GLU C 81 -4.64 -30.01 -14.24
N ASP C 82 -4.95 -30.88 -13.23
CA ASP C 82 -5.69 -32.07 -13.62
C ASP C 82 -7.14 -31.92 -13.11
N ARG C 83 -7.85 -31.24 -13.97
CA ARG C 83 -9.25 -30.89 -13.87
C ARG C 83 -9.70 -30.65 -15.29
N PRO C 84 -10.91 -30.31 -15.60
CA PRO C 84 -11.17 -30.06 -17.03
C PRO C 84 -11.67 -28.63 -17.21
N ILE C 85 -11.63 -28.12 -18.43
CA ILE C 85 -12.18 -26.79 -18.68
C ILE C 85 -13.01 -26.91 -19.95
N ALA C 86 -14.10 -26.14 -20.01
CA ALA C 86 -14.97 -26.17 -21.15
C ALA C 86 -14.64 -24.97 -22.03
N LEU C 87 -13.59 -25.09 -22.85
CA LEU C 87 -13.18 -24.00 -23.75
C LEU C 87 -12.56 -24.49 -25.07
N ALA C 88 -12.67 -23.67 -26.11
CA ALA C 88 -12.15 -24.01 -27.42
C ALA C 88 -11.98 -22.76 -28.28
N ARG C 89 -11.07 -22.87 -29.25
CA ARG C 89 -10.70 -21.81 -30.20
C ARG C 89 -11.83 -20.98 -30.89
N THR C 90 -11.51 -19.73 -31.20
CA THR C 90 -12.42 -18.77 -31.82
C THR C 90 -11.66 -18.04 -32.97
N ALA C 91 -10.45 -18.55 -33.23
CA ALA C 91 -9.46 -18.12 -34.24
C ALA C 91 -8.09 -18.68 -33.79
N VAL C 92 -7.10 -18.71 -34.68
CA VAL C 92 -5.78 -19.27 -34.36
C VAL C 92 -4.73 -18.35 -33.65
N SER C 93 -5.00 -17.01 -33.42
CA SER C 93 -4.01 -16.11 -32.75
C SER C 93 -4.39 -15.94 -31.23
N GLU C 94 -3.72 -16.70 -30.35
CA GLU C 94 -3.89 -16.98 -28.90
C GLU C 94 -4.48 -15.79 -28.13
N GLY C 95 -4.36 -14.52 -28.52
CA GLY C 95 -4.92 -13.38 -27.73
C GLY C 95 -6.45 -13.33 -27.81
N PHE C 96 -7.03 -13.96 -28.82
CA PHE C 96 -8.47 -13.90 -29.00
C PHE C 96 -9.19 -14.73 -27.93
N PRO C 97 -10.32 -14.20 -27.41
CA PRO C 97 -11.11 -14.85 -26.37
C PRO C 97 -11.67 -16.18 -26.87
N HIS C 98 -11.63 -17.24 -26.06
CA HIS C 98 -12.13 -18.52 -26.53
C HIS C 98 -13.17 -19.15 -25.59
N ALA C 99 -14.39 -18.84 -26.04
CA ALA C 99 -15.74 -19.36 -25.60
C ALA C 99 -15.69 -20.55 -24.62
N PRO C 100 -16.94 -20.63 -23.86
CA PRO C 100 -17.16 -21.79 -22.98
C PRO C 100 -17.89 -22.88 -23.82
N THR C 101 -17.48 -24.16 -23.70
CA THR C 101 -18.15 -25.22 -24.48
C THR C 101 -19.41 -25.67 -23.74
N GLY C 102 -20.36 -24.77 -23.67
CA GLY C 102 -21.63 -24.98 -22.97
C GLY C 102 -21.46 -24.45 -21.52
N ASP C 103 -22.45 -23.68 -21.11
CA ASP C 103 -22.57 -22.98 -19.77
C ASP C 103 -21.38 -23.30 -18.82
N PRO C 104 -20.85 -22.16 -18.23
CA PRO C 104 -19.75 -22.11 -17.25
C PRO C 104 -20.08 -22.66 -15.86
N MET C 105 -20.62 -21.77 -15.04
CA MET C 105 -21.02 -21.99 -13.66
C MET C 105 -21.21 -23.41 -13.13
N LYS C 106 -21.82 -24.27 -13.93
CA LYS C 106 -22.05 -25.69 -13.59
C LYS C 106 -20.71 -26.47 -13.53
N ASP C 107 -19.78 -26.08 -14.40
CA ASP C 107 -18.43 -26.66 -14.49
C ASP C 107 -17.29 -25.62 -14.36
N GLY C 108 -17.61 -24.38 -14.06
CA GLY C 108 -16.70 -23.26 -13.72
C GLY C 108 -15.60 -23.06 -14.77
N VAL C 109 -15.75 -21.97 -15.57
CA VAL C 109 -14.77 -21.43 -16.53
C VAL C 109 -15.17 -19.95 -16.71
N GLY C 110 -14.20 -19.05 -16.77
CA GLY C 110 -14.52 -17.63 -16.88
C GLY C 110 -14.54 -17.01 -15.48
N PRO C 111 -15.03 -15.78 -15.31
CA PRO C 111 -15.10 -15.12 -14.00
C PRO C 111 -16.12 -15.76 -13.07
N ALA C 112 -15.72 -16.88 -12.46
CA ALA C 112 -16.54 -17.68 -11.54
C ALA C 112 -15.84 -19.05 -11.40
N SER C 113 -14.52 -19.04 -11.51
CA SER C 113 -13.76 -20.28 -11.45
C SER C 113 -13.08 -20.55 -10.10
N TRP C 114 -13.04 -21.85 -9.77
CA TRP C 114 -12.36 -22.29 -8.56
C TRP C 114 -11.09 -23.04 -8.94
N VAL C 115 -10.44 -23.70 -7.98
CA VAL C 115 -9.21 -24.41 -8.26
C VAL C 115 -8.85 -25.39 -7.14
N ALA C 116 -8.30 -26.55 -7.54
CA ALA C 116 -7.88 -27.61 -6.62
C ALA C 116 -7.03 -27.01 -5.52
N ARG C 117 -7.14 -27.56 -4.31
CA ARG C 117 -6.42 -27.00 -3.16
C ARG C 117 -6.54 -28.00 -1.98
N ARG C 118 -5.48 -28.79 -1.75
CA ARG C 118 -5.45 -29.82 -0.69
C ARG C 118 -6.72 -29.89 0.16
N ASP C 119 -7.65 -30.74 -0.29
CA ASP C 119 -8.98 -30.97 0.30
C ASP C 119 -9.05 -31.21 1.83
N LEU C 120 -8.60 -30.24 2.64
CA LEU C 120 -8.61 -30.35 4.11
C LEU C 120 -8.73 -28.94 4.75
N PRO C 121 -9.57 -28.81 5.78
CA PRO C 121 -9.78 -27.55 6.49
C PRO C 121 -8.54 -26.71 6.75
N GLU C 122 -8.73 -25.39 6.74
CA GLU C 122 -7.64 -24.45 6.92
C GLU C 122 -6.95 -24.47 8.28
N LEU C 123 -5.65 -24.23 8.20
CA LEU C 123 -4.74 -24.20 9.33
C LEU C 123 -5.12 -23.20 10.41
N ASP C 124 -5.22 -23.65 11.62
CA ASP C 124 -5.39 -22.77 12.77
C ASP C 124 -4.05 -22.72 13.47
N GLY C 125 -3.87 -21.85 14.43
CA GLY C 125 -2.59 -21.82 15.12
C GLY C 125 -2.45 -23.18 15.75
N HIS C 126 -3.51 -23.57 16.44
CA HIS C 126 -3.64 -24.86 17.11
C HIS C 126 -4.16 -25.83 16.06
N GLY C 127 -3.96 -27.13 16.27
CA GLY C 127 -4.43 -28.12 15.32
C GLY C 127 -5.93 -28.08 15.01
N HIS C 128 -6.69 -27.35 15.83
CA HIS C 128 -8.13 -27.18 15.70
C HIS C 128 -8.50 -26.70 14.30
N ASN C 129 -9.81 -26.59 14.06
CA ASN C 129 -10.32 -26.11 12.77
C ASN C 129 -10.44 -24.58 12.80
N LYS C 130 -10.49 -23.94 11.64
CA LYS C 130 -10.61 -22.48 11.60
C LYS C 130 -12.06 -22.11 11.50
N ILE C 131 -12.53 -21.83 10.28
CA ILE C 131 -13.92 -21.46 10.04
C ILE C 131 -14.82 -22.56 10.65
N LYS C 132 -15.66 -22.17 11.61
CA LYS C 132 -16.58 -23.06 12.33
C LYS C 132 -17.91 -22.33 12.62
N PRO C 133 -19.04 -22.99 12.38
CA PRO C 133 -20.42 -22.50 12.56
C PRO C 133 -20.74 -21.92 13.91
N MET C 134 -21.18 -20.66 13.92
CA MET C 134 -21.55 -19.94 15.16
C MET C 134 -22.36 -20.80 16.16
N LYS C 135 -23.22 -21.65 15.62
CA LYS C 135 -24.06 -22.58 16.33
C LYS C 135 -23.21 -23.71 16.93
N ALA C 136 -21.89 -23.51 17.04
CA ALA C 136 -21.00 -24.55 17.55
C ALA C 136 -19.64 -24.03 18.09
N ALA C 137 -19.71 -22.96 19.00
CA ALA C 137 -18.40 -22.47 19.50
C ALA C 137 -18.58 -21.58 20.79
N ALA C 138 -17.58 -21.75 21.63
CA ALA C 138 -17.36 -21.15 22.99
C ALA C 138 -17.78 -19.69 23.16
N GLY C 139 -19.03 -19.24 22.97
CA GLY C 139 -19.45 -17.90 23.38
C GLY C 139 -19.47 -16.76 22.35
N PHE C 140 -19.04 -17.07 21.13
CA PHE C 140 -19.02 -16.05 20.11
C PHE C 140 -20.42 -15.46 20.11
N HIS C 141 -20.51 -14.14 20.15
CA HIS C 141 -21.82 -13.58 20.18
C HIS C 141 -22.04 -12.19 19.62
N VAL C 142 -22.72 -12.17 18.49
CA VAL C 142 -23.15 -10.85 18.05
C VAL C 142 -24.15 -10.33 19.05
N SER C 143 -23.82 -9.20 19.68
CA SER C 143 -24.69 -8.63 20.72
C SER C 143 -26.00 -8.05 20.13
N ALA C 144 -26.47 -6.92 20.65
CA ALA C 144 -27.72 -6.29 20.19
C ALA C 144 -27.85 -5.88 18.71
N GLY C 145 -26.81 -6.08 17.93
CA GLY C 145 -26.83 -5.66 16.52
C GLY C 145 -27.09 -6.65 15.40
N LYS C 146 -27.97 -6.23 14.53
CA LYS C 146 -28.41 -6.99 13.38
C LYS C 146 -27.64 -8.23 12.94
N ASN C 147 -27.81 -9.31 13.71
CA ASN C 147 -27.31 -10.56 13.18
C ASN C 147 -28.36 -11.12 12.23
N PRO C 148 -28.00 -11.30 10.96
CA PRO C 148 -29.03 -11.70 10.00
C PRO C 148 -29.76 -13.01 10.19
N ILE C 149 -29.62 -13.64 11.37
CA ILE C 149 -30.25 -14.94 11.66
C ILE C 149 -31.75 -15.15 11.43
N GLY C 150 -32.61 -14.22 11.82
CA GLY C 150 -34.03 -14.45 11.53
C GLY C 150 -34.67 -13.78 10.31
N LEU C 151 -33.88 -13.33 9.32
CA LEU C 151 -34.41 -12.61 8.13
C LEU C 151 -34.04 -13.30 6.81
N PRO C 152 -34.97 -13.22 5.85
CA PRO C 152 -34.87 -13.87 4.53
C PRO C 152 -33.79 -13.33 3.59
N VAL C 153 -32.87 -14.19 3.19
CA VAL C 153 -31.91 -13.80 2.18
C VAL C 153 -32.62 -13.80 0.85
N ARG C 154 -32.30 -12.84 -0.01
CA ARG C 154 -33.01 -12.61 -1.24
C ARG C 154 -32.08 -12.12 -2.36
N GLY C 155 -32.17 -12.78 -3.51
CA GLY C 155 -31.34 -12.42 -4.65
C GLY C 155 -31.99 -11.39 -5.54
N CYS C 156 -31.62 -11.33 -6.81
CA CYS C 156 -32.19 -10.37 -7.79
C CYS C 156 -33.76 -10.34 -7.89
N ASP C 157 -34.33 -11.40 -8.31
CA ASP C 157 -35.77 -11.56 -8.58
C ASP C 157 -36.64 -11.48 -7.27
N LEU C 158 -36.91 -12.67 -6.62
CA LEU C 158 -37.81 -12.77 -5.41
C LEU C 158 -37.11 -13.32 -4.12
N GLU C 159 -37.85 -13.10 -2.91
CA GLU C 159 -37.40 -13.59 -1.58
C GLU C 159 -38.03 -14.94 -1.25
N ILE C 160 -37.92 -15.88 -2.19
CA ILE C 160 -38.51 -17.21 -2.02
C ILE C 160 -37.41 -18.31 -2.09
N ALA C 161 -36.29 -18.02 -1.41
CA ALA C 161 -35.11 -18.89 -1.28
C ALA C 161 -34.36 -18.20 -0.17
N GLY C 162 -35.01 -18.12 1.06
CA GLY C 162 -34.25 -17.32 2.05
C GLY C 162 -34.62 -17.70 3.50
N LYS C 163 -34.30 -18.92 3.97
CA LYS C 163 -34.30 -19.23 5.39
C LYS C 163 -32.89 -19.06 5.86
N VAL C 164 -32.58 -17.97 6.55
CA VAL C 164 -31.23 -17.75 7.06
C VAL C 164 -31.20 -18.62 8.31
N VAL C 165 -30.11 -19.28 8.65
CA VAL C 165 -30.16 -20.06 9.86
C VAL C 165 -29.10 -19.63 10.86
N ASP C 166 -27.84 -19.67 10.46
CA ASP C 166 -26.74 -19.32 11.35
C ASP C 166 -25.52 -18.69 10.64
N ILE C 167 -24.81 -17.78 11.35
CA ILE C 167 -23.60 -17.11 10.84
C ILE C 167 -22.54 -18.21 10.93
N TRP C 168 -21.49 -18.11 10.12
CA TRP C 168 -20.42 -19.12 10.10
C TRP C 168 -19.09 -18.30 10.20
N VAL C 169 -18.43 -18.37 11.43
CA VAL C 169 -17.30 -17.48 11.81
C VAL C 169 -15.94 -18.20 11.81
N ASP C 170 -14.97 -17.34 11.59
CA ASP C 170 -13.54 -17.59 11.76
C ASP C 170 -13.21 -17.40 13.22
N ILE C 171 -12.76 -18.48 13.89
CA ILE C 171 -12.50 -18.50 15.35
C ILE C 171 -11.35 -17.57 15.87
N PRO C 172 -10.13 -17.64 15.30
CA PRO C 172 -9.05 -16.76 15.80
C PRO C 172 -9.34 -15.29 15.47
N GLU C 173 -9.16 -14.97 14.17
CA GLU C 173 -9.58 -13.67 13.68
C GLU C 173 -11.08 -13.59 13.81
N GLN C 174 -11.61 -12.81 14.75
CA GLN C 174 -13.04 -12.81 15.00
C GLN C 174 -13.85 -12.03 13.95
N MET C 175 -14.15 -12.72 12.85
CA MET C 175 -14.92 -12.18 11.74
C MET C 175 -15.92 -13.21 11.25
N ALA C 176 -17.11 -12.73 10.92
CA ALA C 176 -18.18 -13.56 10.40
C ALA C 176 -17.96 -13.74 8.87
N ARG C 177 -17.27 -14.80 8.50
CA ARG C 177 -16.98 -15.04 7.12
C ARG C 177 -18.08 -15.74 6.32
N PHE C 178 -19.24 -16.02 6.90
CA PHE C 178 -20.26 -16.73 6.13
C PHE C 178 -21.69 -16.63 6.68
N LEU C 179 -22.68 -16.54 5.79
CA LEU C 179 -24.07 -16.51 6.18
C LEU C 179 -24.60 -17.83 5.62
N GLU C 180 -25.40 -18.54 6.42
CA GLU C 180 -25.94 -19.84 6.02
C GLU C 180 -27.39 -19.73 5.52
N VAL C 181 -27.64 -20.17 4.30
CA VAL C 181 -28.97 -20.13 3.69
C VAL C 181 -29.69 -21.50 3.61
N GLU C 182 -30.66 -21.72 4.49
CA GLU C 182 -31.44 -22.94 4.48
C GLU C 182 -32.42 -22.73 3.34
N LEU C 183 -31.99 -23.18 2.18
CA LEU C 183 -32.76 -23.09 0.94
C LEU C 183 -34.06 -23.88 1.03
N LYS C 184 -35.12 -23.29 0.47
CA LYS C 184 -36.45 -23.86 0.42
C LYS C 184 -36.44 -25.31 -0.04
N ASP C 185 -36.05 -26.17 0.90
CA ASP C 185 -35.95 -27.62 0.78
C ASP C 185 -34.96 -28.09 1.85
N GLY C 186 -34.91 -27.34 2.94
CA GLY C 186 -34.02 -27.68 4.04
C GLY C 186 -32.55 -27.87 3.67
N SER C 187 -32.12 -27.25 2.58
CA SER C 187 -30.74 -27.37 2.12
C SER C 187 -29.88 -26.18 2.59
N THR C 188 -29.03 -26.39 3.59
CA THR C 188 -28.17 -25.30 4.07
C THR C 188 -27.01 -25.16 3.08
N ARG C 189 -26.87 -23.94 2.58
CA ARG C 189 -25.84 -23.57 1.64
C ARG C 189 -25.25 -22.28 2.21
N LEU C 190 -23.96 -22.03 2.05
CA LEU C 190 -23.39 -20.79 2.57
C LEU C 190 -23.02 -19.75 1.50
N LEU C 191 -22.88 -18.49 1.91
CA LEU C 191 -22.55 -17.40 0.99
C LEU C 191 -21.39 -16.55 1.53
N PRO C 192 -20.42 -16.18 0.68
CA PRO C 192 -19.27 -15.35 1.09
C PRO C 192 -19.70 -13.97 1.60
N MET C 193 -19.58 -13.79 2.91
CA MET C 193 -19.97 -12.55 3.60
C MET C 193 -19.91 -11.30 2.71
N GLN C 194 -18.79 -10.91 2.06
CA GLN C 194 -18.64 -9.64 1.35
C GLN C 194 -19.66 -9.39 0.21
N MET C 195 -19.93 -10.45 -0.55
CA MET C 195 -20.86 -10.39 -1.67
C MET C 195 -22.37 -10.25 -1.39
N VAL C 196 -22.75 -10.05 -0.10
CA VAL C 196 -24.16 -9.88 0.29
C VAL C 196 -24.33 -8.65 1.21
N LYS C 197 -25.45 -7.92 1.06
CA LYS C 197 -25.76 -6.71 1.84
C LYS C 197 -26.85 -7.00 2.92
N VAL C 198 -26.59 -6.64 4.19
CA VAL C 198 -27.57 -6.95 5.23
C VAL C 198 -28.41 -5.76 5.73
N GLN C 199 -29.43 -5.35 4.96
CA GLN C 199 -30.29 -4.25 5.41
C GLN C 199 -31.13 -4.76 6.57
N SER C 200 -31.30 -3.93 7.58
CA SER C 200 -32.07 -4.25 8.78
C SER C 200 -33.53 -4.32 8.41
N ASN C 201 -33.80 -5.18 7.43
CA ASN C 201 -35.12 -5.36 6.88
C ASN C 201 -35.14 -6.59 5.98
N ARG C 202 -33.95 -6.94 5.51
CA ARG C 202 -33.77 -8.08 4.60
C ARG C 202 -32.30 -8.23 4.20
N VAL C 203 -31.92 -9.40 3.71
CA VAL C 203 -30.55 -9.62 3.23
C VAL C 203 -30.54 -9.67 1.71
N HIS C 204 -29.99 -8.63 1.09
CA HIS C 204 -29.98 -8.54 -0.37
C HIS C 204 -28.73 -9.13 -0.99
N VAL C 205 -28.94 -10.10 -1.89
CA VAL C 205 -27.84 -10.73 -2.59
C VAL C 205 -27.81 -10.30 -4.06
N ASN C 206 -27.47 -9.03 -4.27
CA ASN C 206 -27.39 -8.47 -5.62
C ASN C 206 -26.41 -9.28 -6.47
N ALA C 207 -25.78 -10.28 -5.85
CA ALA C 207 -24.81 -11.12 -6.52
C ALA C 207 -25.46 -12.11 -7.48
N LEU C 208 -26.43 -12.88 -6.98
CA LEU C 208 -27.08 -13.88 -7.82
C LEU C 208 -28.56 -13.59 -8.03
N SER C 209 -29.30 -14.62 -8.42
CA SER C 209 -30.74 -14.51 -8.69
C SER C 209 -31.54 -15.45 -7.81
N SER C 210 -32.83 -15.17 -7.63
CA SER C 210 -33.63 -16.09 -6.83
C SER C 210 -33.20 -17.52 -7.16
N ASP C 211 -33.04 -17.79 -8.47
CA ASP C 211 -32.56 -19.10 -8.95
C ASP C 211 -31.05 -19.08 -9.14
N LEU C 212 -30.43 -20.24 -9.35
CA LEU C 212 -28.96 -20.29 -9.45
C LEU C 212 -28.39 -20.48 -8.05
N PHE C 213 -29.31 -20.29 -7.10
CA PHE C 213 -29.03 -20.42 -5.68
C PHE C 213 -28.81 -21.87 -5.30
N ALA C 214 -29.78 -22.70 -5.65
CA ALA C 214 -29.74 -24.13 -5.36
C ALA C 214 -28.67 -24.82 -6.20
N GLY C 215 -27.51 -24.18 -6.31
CA GLY C 215 -26.41 -24.72 -7.08
C GLY C 215 -25.08 -24.54 -6.35
N ILE C 216 -24.95 -23.48 -5.55
CA ILE C 216 -23.71 -23.28 -4.80
C ILE C 216 -23.27 -24.66 -4.32
N PRO C 217 -22.11 -25.17 -4.78
CA PRO C 217 -21.71 -26.56 -4.49
C PRO C 217 -21.75 -26.87 -3.02
N THR C 218 -22.56 -27.87 -2.72
CA THR C 218 -22.77 -28.33 -1.36
C THR C 218 -21.46 -28.61 -0.65
N ILE C 219 -21.47 -28.28 0.62
CA ILE C 219 -20.31 -28.44 1.48
C ILE C 219 -20.28 -29.89 2.04
N LYS C 220 -20.93 -30.80 1.31
CA LYS C 220 -21.02 -32.23 1.69
C LYS C 220 -20.10 -32.60 2.86
N SER C 221 -20.58 -32.16 4.03
CA SER C 221 -20.07 -32.32 5.40
C SER C 221 -20.76 -31.15 6.14
N PRO C 222 -21.32 -31.36 7.34
CA PRO C 222 -22.01 -30.30 8.10
C PRO C 222 -21.24 -29.11 8.69
N THR C 223 -20.20 -29.41 9.44
CA THR C 223 -19.38 -28.41 10.14
C THR C 223 -18.17 -27.94 9.32
N GLU C 224 -17.24 -28.86 9.09
CA GLU C 224 -16.04 -28.58 8.31
C GLU C 224 -16.32 -28.08 6.88
N VAL C 225 -16.04 -26.80 6.62
CA VAL C 225 -16.17 -26.24 5.27
C VAL C 225 -14.72 -26.20 4.82
N THR C 226 -14.44 -26.35 3.52
CA THR C 226 -13.03 -26.31 3.12
C THR C 226 -12.66 -26.21 1.66
N LEU C 227 -11.65 -25.39 1.43
CA LEU C 227 -11.09 -25.10 0.12
C LEU C 227 -11.78 -25.69 -1.10
N LEU C 228 -11.59 -26.98 -1.38
CA LEU C 228 -12.24 -27.53 -2.55
C LEU C 228 -13.71 -27.06 -2.57
N GLU C 229 -14.25 -26.89 -1.38
CA GLU C 229 -15.60 -26.40 -1.18
C GLU C 229 -15.62 -24.88 -0.99
N GLU C 230 -14.61 -24.35 -0.28
CA GLU C 230 -14.56 -22.92 -0.02
C GLU C 230 -14.25 -22.07 -1.25
N ASP C 231 -13.32 -22.52 -2.08
CA ASP C 231 -12.99 -21.81 -3.32
C ASP C 231 -14.12 -22.06 -4.33
N LYS C 232 -14.90 -23.12 -4.10
CA LYS C 232 -16.03 -23.49 -4.97
C LYS C 232 -17.29 -22.65 -4.73
N ILE C 233 -17.69 -22.48 -3.47
CA ILE C 233 -18.87 -21.67 -3.16
C ILE C 233 -18.66 -20.24 -3.67
N CYS C 234 -17.59 -19.59 -3.25
CA CYS C 234 -17.30 -18.23 -3.69
C CYS C 234 -17.23 -18.22 -5.24
N GLY C 235 -16.61 -19.24 -5.81
CA GLY C 235 -16.51 -19.29 -7.25
C GLY C 235 -17.87 -19.17 -7.94
N TYR C 236 -18.79 -20.06 -7.60
CA TYR C 236 -20.12 -20.08 -8.20
C TYR C 236 -20.98 -18.91 -7.77
N VAL C 237 -20.62 -18.27 -6.66
CA VAL C 237 -21.38 -17.11 -6.18
C VAL C 237 -21.00 -15.92 -7.08
N ALA C 238 -19.73 -15.88 -7.46
CA ALA C 238 -19.20 -14.84 -8.33
C ALA C 238 -19.90 -14.92 -9.71
N GLY C 239 -20.28 -16.15 -10.08
CA GLY C 239 -20.96 -16.41 -11.34
C GLY C 239 -22.18 -15.58 -11.57
N GLY C 240 -22.53 -14.75 -10.58
CA GLY C 240 -23.66 -13.88 -10.72
C GLY C 240 -23.13 -12.78 -11.58
N LEU C 241 -22.72 -11.68 -10.95
CA LEU C 241 -22.15 -10.50 -11.62
C LEU C 241 -22.09 -10.48 -13.15
N MET C 242 -21.13 -11.18 -13.72
CA MET C 242 -21.01 -11.20 -15.16
C MET C 242 -22.15 -12.06 -15.74
N TYR C 243 -22.11 -13.36 -15.45
CA TYR C 243 -23.07 -14.33 -15.97
C TYR C 243 -24.49 -14.48 -15.33
N ALA C 244 -24.95 -13.54 -14.52
CA ALA C 244 -26.28 -13.66 -13.90
C ALA C 244 -27.38 -12.95 -14.69
N ALA C 245 -27.39 -11.62 -14.60
CA ALA C 245 -28.36 -10.80 -15.30
C ALA C 245 -28.24 -11.19 -16.76
N PRO C 246 -29.33 -11.74 -17.34
CA PRO C 246 -29.39 -12.18 -18.74
C PRO C 246 -28.63 -11.26 -19.70
N LYS C 247 -28.77 -9.95 -19.46
CA LYS C 247 -28.12 -8.90 -20.23
C LYS C 247 -26.60 -9.06 -20.18
N ARG C 248 -26.09 -9.83 -21.14
CA ARG C 248 -24.69 -10.20 -21.36
C ARG C 248 -23.59 -9.07 -21.48
N LYS C 249 -24.00 -7.81 -21.33
CA LYS C 249 -23.14 -6.61 -21.36
C LYS C 249 -24.10 -5.42 -21.10
N SER C 250 -23.54 -4.25 -20.82
CA SER C 250 -24.27 -2.98 -20.53
C SER C 250 -23.35 -1.91 -19.92
N VAL C 251 -23.46 -0.67 -20.51
CA VAL C 251 -22.80 0.45 -19.84
C VAL C 251 -23.25 0.44 -18.40
N VAL C 252 -22.48 0.97 -17.47
CA VAL C 252 -22.90 0.94 -16.07
C VAL C 252 -23.42 2.29 -15.49
N ALA C 253 -23.26 2.46 -14.17
CA ALA C 253 -23.63 3.65 -13.35
C ALA C 253 -23.68 3.26 -11.85
N ALA C 254 -23.56 4.21 -10.95
CA ALA C 254 -23.40 4.13 -9.48
C ALA C 254 -24.33 3.08 -8.77
N MET C 255 -25.55 3.44 -8.27
CA MET C 255 -26.50 2.59 -7.50
C MET C 255 -26.64 1.12 -7.96
N LEU C 256 -27.24 0.26 -7.13
CA LEU C 256 -27.39 -1.17 -7.46
C LEU C 256 -27.59 -1.47 -8.95
N ALA C 257 -26.69 -2.32 -9.44
CA ALA C 257 -26.62 -2.74 -10.82
C ALA C 257 -27.94 -2.68 -11.60
N GLU C 258 -28.20 -1.57 -12.26
CA GLU C 258 -29.33 -1.22 -13.15
C GLU C 258 -30.71 -1.24 -12.39
N TYR C 259 -30.75 -1.99 -11.25
CA TYR C 259 -31.94 -2.19 -10.33
C TYR C 259 -33.12 -2.76 -11.14
N ALA C 260 -34.33 -2.25 -11.02
CA ALA C 260 -35.57 -2.72 -11.63
C ALA C 260 -36.65 -1.77 -11.10
MG BCL D . 5.86 19.69 -0.16
CHA BCL D . 3.20 19.23 -2.25
CHB BCL D . 5.51 16.55 0.82
CHC BCL D . 8.49 20.20 1.90
CHD BCL D . 6.18 22.95 -1.33
NA BCL D . 4.60 18.06 -0.54
C1A BCL D . 3.54 18.15 -1.51
C2A BCL D . 2.79 16.67 -1.49
C3A BCL D . 3.61 15.95 -0.46
C4A BCL D . 4.58 16.94 -0.06
CMA BCL D . 2.79 15.52 0.74
CAA BCL D . 2.65 15.83 -2.99
CBA BCL D . 1.79 14.50 -2.91
CGA BCL D . 1.18 13.95 -4.26
O1A BCL D . 0.94 12.75 -4.44
O2A BCL D . 0.85 14.76 -5.15
NB BCL D . 6.81 18.58 1.12
C1B BCL D . 6.59 17.31 1.42
C2B BCL D . 7.45 16.77 2.29
C3B BCL D . 8.30 17.75 2.60
C4B BCL D . 7.88 19.08 1.86
CMB BCL D . 7.56 15.34 2.75
CAB BCL D . 9.47 17.56 3.54
OBB BCL D . 10.50 18.69 3.39
CBB BCL D . 9.70 16.57 4.19
NC BCL D . 7.11 21.24 0.27
C1C BCL D . 8.13 21.39 1.10
C2C BCL D . 8.73 22.75 1.31
C3C BCL D . 8.26 23.53 0.22
C4C BCL D . 6.99 22.57 -0.45
CMC BCL D . 10.21 22.77 1.68
CAC BCL D . 9.48 23.84 -0.95
CBC BCL D . 10.10 22.61 -1.59
ND BCL D . 4.89 20.81 -1.44
C1D BCL D . 5.25 22.21 -1.79
C2D BCL D . 4.23 22.50 -2.87
C3D BCL D . 3.45 21.35 -3.03
C4D BCL D . 3.93 20.44 -2.23
CMD BCL D . 4.14 23.87 -3.70
CAD BCL D . 2.37 20.65 -3.85
OBD BCL D . 1.67 21.10 -4.75
CBD BCL D . 2.18 19.34 -3.31
CGD BCL D . 0.93 19.37 -2.83
O1D BCL D . 0.41 20.27 -2.19
O2D BCL D . 0.38 18.31 -3.13
CED BCL D . 0.41 17.93 -4.54
C1 BCL D . -0.21 14.32 -5.92
C2 BCL D . 0.23 14.03 -7.39
C3 BCL D . 0.82 12.96 -7.91
C4 BCL D . 1.19 11.77 -7.10
C5 BCL D . 1.17 12.84 -9.39
C6 BCL D . 0.31 11.80 -10.12
C7 BCL D . 0.25 12.11 -11.61
C8 BCL D . -0.72 11.26 -12.41
C9 BCL D . -2.10 11.21 -11.81
C10 BCL D . -0.18 9.92 -12.91
C11 BCL D . 1.09 10.07 -13.83
C12 BCL D . 1.40 8.80 -14.56
C13 BCL D . 2.54 8.87 -15.58
C14 BCL D . 2.36 9.95 -16.61
C15 BCL D . 2.76 7.54 -16.29
C16 BCL D . 4.01 7.43 -17.13
C17 BCL D . 4.64 6.05 -16.97
C18 BCL D . 5.38 5.47 -18.19
C19 BCL D . 5.82 4.04 -17.85
C20 BCL D . 4.44 5.40 -19.36
MG BCL E . 7.61 14.73 -9.96
CHA BCL E . 10.82 13.62 -9.31
CHB BCL E . 7.74 12.48 -12.65
CHC BCL E . 4.43 15.53 -10.82
CHD BCL E . 7.66 16.78 -7.39
NA BCL E . 9.03 13.29 -10.88
C1A BCL E . 10.33 13.03 -10.34
C2A BCL E . 10.98 11.91 -11.13
C3A BCL E . 9.95 11.65 -12.18
C4A BCL E . 8.89 12.51 -11.91
CMA BCL E . 10.41 11.49 -13.62
CAA BCL E . 10.94 10.58 -10.08
CBA BCL E . 9.45 10.02 -9.92
CGA BCL E . 9.07 9.42 -8.56
O1A BCL E . 8.43 10.08 -7.76
O2A BCL E . 9.31 8.22 -8.32
NB BCL E . 6.30 14.08 -11.50
C1B BCL E . 6.52 13.21 -12.46
C2B BCL E . 5.40 13.04 -13.25
C3B BCL E . 4.43 13.95 -12.68
C4B BCL E . 4.99 14.60 -11.59
CMB BCL E . 5.23 12.11 -14.45
CAB BCL E . 2.99 14.19 -13.05
OBB BCL E . 2.29 14.99 -12.52
CBB BCL E . 2.46 13.10 -13.94
NC BCL E . 6.28 15.90 -9.31
C1C BCL E . 5.04 16.18 -9.69
C2C BCL E . 4.25 17.16 -8.90
C3C BCL E . 5.22 17.51 -7.87
C4C BCL E . 6.50 16.68 -8.19
CMC BCL E . 3.85 18.32 -9.64
CAC BCL E . 4.74 17.16 -6.59
CBC BCL E . 3.72 18.19 -6.13
ND BCL E . 8.99 15.12 -8.65
C1D BCL E . 8.82 16.07 -7.56
C2D BCL E . 10.07 16.07 -6.83
C3D BCL E . 10.92 15.12 -7.43
C4D BCL E . 10.16 14.60 -8.55
CMD BCL E . 10.32 16.82 -5.73
CAD BCL E . 12.26 14.44 -7.39
OBD BCL E . 13.27 14.57 -6.59
CBD BCL E . 12.20 13.41 -8.61
CGD BCL E . 13.21 13.79 -9.46
O1D BCL E . 13.10 14.65 -10.35
O2D BCL E . 14.38 13.20 -9.10
CED BCL E . 14.95 12.12 -9.95
C1 BCL E . 8.19 7.40 -8.32
C2 BCL E . 7.98 6.75 -9.71
C3 BCL E . 7.46 5.47 -10.17
C4 BCL E . 6.97 4.33 -9.23
C5 BCL E . 7.39 5.11 -11.75
C6 BCL E . 8.09 6.17 -12.72
C7 BCL E . 7.16 7.36 -13.13
C8 BCL E . 7.05 7.62 -14.64
C9 BCL E . 7.30 6.36 -15.46
C10 BCL E . 7.92 8.77 -15.18
C11 BCL E . 7.70 9.09 -16.69
C12 BCL E . 8.66 10.16 -17.27
C13 BCL E . 8.06 10.96 -18.43
C14 BCL E . 6.52 11.03 -18.20
C15 BCL E . 8.52 10.52 -19.87
C16 BCL E . 8.24 11.57 -21.07
C17 BCL E . 9.34 11.59 -22.24
C18 BCL E . 10.79 12.13 -21.95
C19 BCL E . 11.72 11.94 -23.14
C20 BCL E . 10.99 13.59 -21.38
O1D BPH F . -1.51 1.27 -13.41
CGD BPH F . -1.17 2.00 -12.49
O2D BPH F . 0.02 1.89 -11.88
CED BPH F . 0.06 1.20 -10.61
CBD BPH F . -2.05 3.09 -11.89
CHA BPH F . -1.27 4.14 -11.23
C4D BPH F . -1.73 4.23 -9.94
C3D BPH F . -2.67 3.29 -9.60
CAD BPH F . -2.91 2.45 -10.76
OBD BPH F . -3.65 1.49 -10.95
C2D BPH F . -3.00 3.45 -8.28
CMD BPH F . -3.94 2.64 -7.47
C1D BPH F . -2.25 4.63 -7.86
ND BPH F . -1.48 5.03 -8.85
CHD BPH F . -2.27 5.37 -6.67
C4C BPH F . -1.49 6.49 -6.36
C3C BPH F . -1.62 7.29 -5.06
CAC BPH F . -2.93 7.99 -5.01
CBC BPH F . -3.97 7.31 -4.15
C2C BPH F . -0.50 8.27 -5.14
CMC BPH F . 0.52 8.10 -3.98
C1C BPH F . 0.12 7.96 -6.47
NC BPH F . -0.52 6.94 -7.14
CHC BPH F . 1.29 8.58 -6.89
C4B BPH F . 2.01 8.41 -8.09
C3B BPH F . 3.16 8.96 -8.42
CAB BPH F . 3.86 9.87 -7.48
CBB BPH F . 5.37 9.72 -7.70
OBB BPH F . 3.37 10.32 -6.44
C2B BPH F . 3.51 8.53 -9.77
CMB BPH F . 4.82 8.94 -10.66
C1B BPH F . 2.52 7.68 -10.15
NB BPH F . 1.65 7.62 -9.12
CHB BPH F . 2.40 7.00 -11.39
C4A BPH F . 1.40 6.09 -11.79
C3A BPH F . 1.40 5.45 -13.08
CMA BPH F . 2.52 4.46 -13.09
C2A BPH F . 0.10 4.71 -13.14
C1A BPH F . -0.33 4.84 -11.78
NA BPH F . 0.42 5.71 -11.06
CAA BPH F . -1.15 5.51 -14.07
CBA BPH F . -0.81 6.26 -15.37
CGA BPH F . -0.69 5.36 -16.55
O1A BPH F . -0.09 4.28 -16.45
O2A BPH F . -1.12 5.76 -17.67
C1 BPH F . -0.62 5.08 -18.76
C2 BPH F . -0.18 5.99 -19.72
C3 BPH F . 0.56 5.85 -20.89
C4 BPH F . 1.13 4.55 -21.45
C5 BPH F . 0.91 7.06 -21.74
C6 BPH F . -0.14 8.15 -21.59
C7 BPH F . 0.45 9.54 -21.36
C8 BPH F . 1.63 9.93 -22.28
C9 BPH F . 1.46 9.57 -23.76
C10 BPH F . 2.12 11.37 -22.07
C11 BPH F . 1.09 12.48 -22.24
C12 BPH F . 1.63 13.83 -21.62
C13 BPH F . 2.18 13.77 -20.16
C14 BPH F . 1.18 13.15 -19.18
C15 BPH F . 2.57 15.14 -19.56
C16 BPH F . 3.12 15.08 -18.10
C17 BPH F . 4.66 14.82 -18.04
C18 BPH F . 5.30 14.72 -16.65
C19 BPH F . 6.81 14.62 -16.70
C20 BPH F . 4.93 15.89 -15.78
C1 U10 G . 0.82 -4.69 10.34
C2 U10 G . 0.38 -6.07 9.78
C3 U10 G . -0.38 -6.97 10.67
C4 U10 G . -0.73 -6.56 11.97
C5 U10 G . -0.33 -5.16 12.54
C6 U10 G . 0.53 -4.28 11.54
C1M U10 G . 1.63 -3.85 9.48
C3M U10 G . -1.28 -8.28 8.95
C4M U10 G . -0.72 -8.74 12.94
C7 U10 G . 1.10 -2.97 11.96
C8 U10 G . 0.47 -1.80 12.66
C9 U10 G . -0.02 -0.66 12.20
C10 U10 G . -0.03 -0.22 10.72
C11 U10 G . -0.49 0.42 13.16
C12 U10 G . 0.59 1.56 13.12
C13 U10 G . 0.91 2.42 14.43
C14 U10 G . 1.83 2.21 15.57
C15 U10 G . 2.78 0.99 15.74
C16 U10 G . 1.98 3.30 16.74
C17 U10 G . 1.22 3.01 18.06
C18 U10 G . 1.39 4.27 19.16
C19 U10 G . 0.59 5.45 19.40
C20 U10 G . -0.72 5.80 18.62
C21 U10 G . 0.94 6.50 20.50
C22 U10 G . 2.12 7.42 20.16
C23 U10 G . 2.53 8.49 21.45
C24 U10 G . 1.81 9.69 22.03
C25 U10 G . 0.43 10.20 21.51
C26 U10 G . 2.39 10.56 23.28
C27 U10 G . 1.87 12.05 23.37
C28 U10 G . 0.18 12.25 23.94
C29 U10 G . -0.59 13.41 24.66
C30 U10 G . 0.05 14.74 25.14
C31 U10 G . -2.11 13.26 25.10
C32 U10 G . -3.15 14.35 24.61
C33 U10 G . -4.60 13.57 24.58
C34 U10 G . -6.03 13.88 24.37
C35 U10 G . -6.66 15.25 24.06
C36 U10 G . -7.10 12.75 24.43
C37 U10 G . -6.88 11.71 25.58
C38 U10 G . -7.02 12.40 27.03
C39 U10 G . -7.36 11.92 28.36
C40 U10 G . -7.68 10.41 28.75
C41 U10 G . -7.35 12.88 29.56
C42 U10 G . -5.92 13.21 30.00
C43 U10 G . -5.19 11.91 30.51
C44 U10 G . -4.34 10.96 29.85
C45 U10 G . -3.89 11.00 28.34
C46 U10 G . -3.81 9.72 30.64
C47 U10 G . -2.31 9.55 30.67
C48 U10 G . -1.69 8.86 29.39
C49 U10 G . -2.24 7.96 28.39
C50 U10 G . -3.71 7.43 28.35
C51 U10 G . -1.42 7.41 27.23
O2 U10 G . 0.71 -6.47 8.56
O3 U10 G . -0.74 -8.25 10.20
O4 U10 G . -1.41 -7.46 12.76
O5 U10 G . -0.64 -4.78 13.73
MN MN H . -0.10 -8.12 2.38
MG BCL I . 9.66 15.49 11.22
CHA BCL I . 6.48 16.63 10.81
CHB BCL I . 8.72 13.98 14.07
CHC BCL I . 12.74 14.41 11.38
CHD BCL I . 10.57 17.12 8.25
NA BCL I . 7.94 15.27 12.35
C1A BCL I . 6.65 15.88 11.89
C2A BCL I . 5.59 15.33 13.06
C3A BCL I . 6.45 14.68 14.09
C4A BCL I . 7.70 14.65 13.48
CMA BCL I . 6.47 15.46 15.28
CAA BCL I . 4.64 14.13 12.39
CBA BCL I . 5.45 12.80 12.11
CGA BCL I . 4.64 11.48 12.10
O1A BCL I . 3.38 11.46 12.13
O2A BCL I . 5.32 10.39 12.10
NB BCL I . 10.51 14.38 12.48
C1B BCL I . 9.92 13.85 13.64
C2B BCL I . 10.89 13.12 14.32
C3B BCL I . 12.15 13.19 13.56
C4B BCL I . 11.83 14.02 12.40
CMB BCL I . 10.68 12.37 15.62
CAB BCL I . 13.51 12.57 13.89
OBB BCL I . 13.72 11.92 14.86
CBB BCL I . 14.55 12.89 12.84
NC BCL I . 11.39 15.69 10.09
C1C BCL I . 12.51 15.21 10.27
C2C BCL I . 13.59 15.42 9.30
C3C BCL I . 12.88 16.26 8.31
C4C BCL I . 11.41 16.46 8.85
CMC BCL I . 14.88 16.09 9.94
CAC BCL I . 12.76 15.54 6.95
CBC BCL I . 12.01 14.17 7.04
ND BCL I . 8.68 16.65 9.83
C1D BCL I . 9.24 17.31 8.60
C2D BCL I . 8.21 18.04 8.02
C3D BCL I . 7.12 17.85 8.80
C4D BCL I . 7.46 16.95 9.96
CMD BCL I . 8.29 18.84 6.78
CAD BCL I . 5.73 18.22 8.97
OBD BCL I . 4.99 19.00 8.32
CBD BCL I . 5.18 17.28 10.24
CGD BCL I . 4.19 18.02 11.10
O1D BCL I . 3.04 18.27 10.78
O2D BCL I . 4.67 18.40 12.19
CED BCL I . 4.03 19.57 12.77
C1 BCL I . 4.72 9.26 11.55
C2 BCL I . 3.56 8.74 12.43
C3 BCL I . 3.51 7.89 13.53
C4 BCL I . 4.69 7.20 14.23
C5 BCL I . 2.26 7.59 14.19
C6 BCL I . 2.02 8.53 15.33
C7 BCL I . 2.34 9.99 14.99
C8 BCL I . 3.30 10.60 16.04
C9 BCL I . 4.71 9.99 15.85
C10 BCL I . 3.26 12.12 16.12
C11 BCL I . 1.87 12.74 16.25
C12 BCL I . 2.02 14.25 16.35
C13 BCL I . 0.74 15.04 16.21
C14 BCL I . 0.11 14.68 14.85
C15 BCL I . -0.26 14.73 17.33
C16 BCL I . 0.04 15.35 18.66
C17 BCL I . -1.25 15.25 19.48
C18 BCL I . -1.30 15.98 20.84
C19 BCL I . -2.62 15.63 21.58
C20 BCL I . -1.11 17.52 20.72
MG BCL J . 13.04 16.55 1.95
CHA BCL J . 14.68 14.20 3.86
CHB BCL J . 10.99 13.93 0.99
CHC BCL J . 11.57 18.73 0.12
CHD BCL J . 15.10 18.93 3.16
NA BCL J . 12.93 14.35 2.39
C1A BCL J . 13.58 13.60 3.13
C2A BCL J . 13.16 12.07 3.04
C3A BCL J . 12.02 12.11 2.28
C4A BCL J . 11.92 13.55 1.83
CMA BCL J . 12.13 11.22 1.14
CAA BCL J . 13.04 11.15 4.38
CBA BCL J . 11.88 11.48 5.33
CGA BCL J . 11.29 10.25 5.98
O1A BCL J . 10.68 9.45 5.28
O2A BCL J . 11.27 10.08 7.21
NB BCL J . 11.59 16.25 0.78
C1B BCL J . 10.78 15.22 0.47
C2B BCL J . 9.76 15.55 -0.40
C3B BCL J . 9.89 16.94 -0.70
C4B BCL J . 11.09 17.47 0.09
CMB BCL J . 8.65 14.53 -0.88
CAB BCL J . 8.98 17.84 -1.59
OBB BCL J . 9.17 19.05 -1.78
CBB BCL J . 7.80 17.09 -2.15
NC BCL J . 13.35 18.47 1.72
C1C BCL J . 12.61 19.21 0.86
C2C BCL J . 13.07 20.62 0.84
C3C BCL J . 14.07 20.61 1.73
C4C BCL J . 14.19 19.32 2.25
CMC BCL J . 13.62 21.27 -0.36
CAC BCL J . 14.09 21.79 2.85
CBC BCL J . 12.87 21.76 3.58
ND BCL J . 14.55 16.36 3.24
C1D BCL J . 15.28 17.64 3.66
C2D BCL J . 16.13 17.29 4.56
C3D BCL J . 15.97 15.93 4.72
C4D BCL J . 14.96 15.52 3.85
CMD BCL J . 17.03 18.16 5.30
CAD BCL J . 16.38 14.82 5.50
OBD BCL J . 17.17 14.77 6.48
CBD BCL J . 15.68 13.57 4.80
CGD BCL J . 16.87 12.82 3.96
O1D BCL J . 18.08 13.02 4.11
O2D BCL J . 16.41 11.93 3.06
CED BCL J . 16.91 12.05 1.71
C1 BCL J . 12.44 10.36 7.89
C2 BCL J . 12.79 9.23 8.84
C3 BCL J . 13.05 9.21 10.17
C4 BCL J . 13.04 10.48 11.05
C5 BCL J . 13.39 7.83 10.94
C6 BCL J . 13.70 7.92 12.45
C7 BCL J . 12.58 7.37 13.30
C8 BCL J . 12.90 7.23 14.80
C9 BCL J . 13.97 6.15 15.06
C10 BCL J . 11.62 7.13 15.69
C11 BCL J . 11.88 7.28 17.24
C12 BCL J . 10.64 7.65 18.09
C13 BCL J . 10.97 8.31 19.44
C14 BCL J . 11.85 7.49 20.29
C15 BCL J . 9.76 8.57 20.30
C16 BCL J . 8.80 9.55 19.72
C17 BCL J . 7.57 8.82 19.17
C18 BCL J . 6.59 8.23 20.20
C19 BCL J . 5.97 9.29 21.09
C20 BCL J . 5.50 7.40 19.51
O1D BPH K . 8.10 -1.47 16.83
CGD BPH K . 8.12 -0.54 16.03
O2D BPH K . 7.07 0.05 15.58
CED BPH K . 6.48 -0.51 14.41
CBD BPH K . 9.32 -0.06 15.43
CHA BPH K . 9.30 1.42 14.88
C4D BPH K . 9.63 1.31 13.52
C3D BPH K . 9.86 -0.06 13.05
CAD BPH K . 9.64 -0.98 14.10
OBD BPH K . 9.72 -2.19 14.10
C2D BPH K . 10.19 -0.03 11.77
CMD BPH K . 10.51 -1.24 10.91
C1D BPH K . 10.22 1.39 11.37
ND BPH K . 9.84 2.18 12.46
CHD BPH K . 10.57 1.96 10.07
C4C BPH K . 10.51 3.26 9.65
C3C BPH K . 10.91 3.70 8.20
CAC BPH K . 10.43 2.74 7.06
CBC BPH K . 11.00 1.26 7.16
C2C BPH K . 10.40 5.11 8.14
CMC BPH K . 9.30 5.32 7.19
C1C BPH K . 9.95 5.33 9.61
NC BPH K . 10.02 4.24 10.37
CHC BPH K . 9.51 6.55 10.06
C4B BPH K . 9.12 6.90 11.33
C3B BPH K . 8.64 8.17 11.84
CAB BPH K . 8.43 9.39 11.02
CBB BPH K . 9.52 9.51 9.96
OBB BPH K . 7.70 10.31 11.31
C2B BPH K . 8.43 8.06 13.13
CMB BPH K . 7.93 9.13 13.96
C1B BPH K . 8.72 6.72 13.56
NB BPH K . 9.14 6.06 12.42
CHB BPH K . 8.56 6.13 14.99
C4A BPH K . 8.74 4.72 15.51
C3A BPH K . 8.44 4.30 16.97
CMA BPH K . 7.08 4.62 17.33
C2A BPH K . 8.68 2.92 17.08
C1A BPH K . 9.04 2.64 15.54
NA BPH K . 9.06 3.75 14.79
CAA BPH K . 9.92 2.64 18.19
CBA BPH K . 9.95 3.72 19.38
CGA BPH K . 10.62 3.31 20.74
O1A BPH K . 11.79 2.95 20.82
O2A BPH K . 9.92 3.45 21.78
C1 BPH K . 10.61 3.52 23.00
C2 BPH K . 9.82 4.48 24.08
C3 BPH K . 9.41 5.76 23.91
C4 BPH K . 9.66 6.57 22.68
C5 BPH K . 8.67 6.62 24.99
C6 BPH K . 7.21 6.99 24.60
C7 BPH K . 6.72 8.35 25.18
C8 BPH K . 5.32 8.36 25.82
C9 BPH K . 4.25 7.68 24.97
C10 BPH K . 4.86 9.79 26.12
C11 BPH K . 3.99 10.01 27.35
C12 BPH K . 4.63 11.04 28.27
C13 BPH K . 3.83 11.35 29.56
C14 BPH K . 4.53 12.50 30.34
C15 BPH K . 3.57 10.12 30.46
C16 BPH K . 2.20 10.06 31.25
C17 BPH K . 1.71 11.44 31.75
C18 BPH K . 0.65 12.15 30.89
C19 BPH K . 1.01 12.37 29.43
C20 BPH K . 0.18 13.46 31.48
CM1 SPO L . 6.71 16.15 31.78
O1 SPO L . 6.17 17.01 30.83
C1 SPO L . 4.87 17.21 30.79
C2 SPO L . 4.09 15.94 30.64
C3 SPO L . 4.32 17.86 32.01
C4 SPO L . 4.35 18.18 29.66
C5 SPO L . 4.71 17.91 28.07
C6 SPO L . 5.97 17.82 27.49
C7 SPO L . 6.14 17.62 26.10
C8 SPO L . 4.86 17.40 25.19
C9 SPO L . 7.43 17.50 25.51
C10 SPO L . 7.61 17.30 24.20
C11 SPO L . 8.74 17.09 23.51
C12 SPO L . 8.80 16.92 22.12
C13 SPO L . 7.52 17.05 21.25
C14 SPO L . 9.93 16.67 21.52
C15 SPO L . 10.08 16.50 20.22
C16 SPO L . 11.21 16.17 19.59
C17 SPO L . 11.45 16.00 18.17
C18 SPO L . 10.32 16.27 17.16
C19 SPO L . 12.67 15.59 17.68
C20 SPO L . 13.04 15.43 16.40
C21 SPO L . 14.16 14.94 15.95
C22 SPO L . 15.09 14.46 16.76
C23 SPO L . 16.34 13.83 16.46
C24 SPO L . 16.75 13.58 15.04
C25 SPO L . 17.20 13.35 17.54
C26 SPO L . 18.35 12.67 17.44
C27 SPO L . 19.14 12.22 18.46
C28 SPO L . 20.28 11.45 18.30
C29 SPO L . 20.73 10.90 16.94
C30 SPO L . 21.18 10.97 19.47
C31 SPO L . 22.68 10.90 19.09
C32 SPO L . 23.59 10.10 20.14
C33 SPO L . 24.20 10.51 21.37
C34 SPO L . 24.11 11.89 22.01
C35 SPO L . 25.02 9.58 22.22
C36 SPO L . 26.09 8.79 21.45
C37 SPO L . 26.79 7.66 22.38
C38 SPO L . 27.19 7.70 23.74
C39 SPO L . 27.85 6.51 24.47
C40 SPO L . 27.01 8.94 24.69
C1 U10 M . 0.12 -6.21 -6.85
C2 U10 M . -0.58 -7.41 -6.38
C3 U10 M . -0.18 -8.73 -7.01
C4 U10 M . 0.78 -8.82 -7.91
C5 U10 M . 1.54 -7.60 -8.42
C6 U10 M . 1.14 -6.29 -7.84
C1M U10 M . -0.32 -4.92 -6.21
C3M U10 M . -0.64 -10.17 -5.29
C4M U10 M . -0.11 -10.71 -8.96
C7 U10 M . 1.83 -5.13 -8.38
C8 U10 M . 3.15 -4.87 -7.87
C9 U10 M . 4.26 -5.09 -8.37
C10 U10 M . 4.46 -5.72 -9.69
C11 U10 M . 5.52 -4.71 -7.66
C12 U10 M . 6.33 -3.58 -8.33
C13 U10 M . 5.53 -2.36 -8.84
C14 U10 M . 5.99 -1.17 -9.36
C15 U10 M . 7.52 -0.79 -9.47
C16 U10 M . 5.04 -0.04 -9.84
C17 U10 M . 5.56 0.78 -11.07
C18 U10 M . 5.23 0.24 -12.64
C19 U10 M . 5.27 1.02 -13.46
C20 U10 M . 6.17 2.27 -13.66
C21 U10 M . 4.72 0.45 -14.86
C22 U10 M . 3.82 1.51 -15.61
C23 U10 M . 3.10 1.11 -17.07
C24 U10 M . 3.63 0.54 -18.28
C25 U10 M . 5.14 0.15 -18.47
C26 U10 M . 2.80 0.25 -19.55
C27 U10 M . 3.62 -0.50 -20.61
C28 U10 M . 3.85 0.25 -21.99
C29 U10 M . 4.70 -0.10 -23.12
C30 U10 M . 5.60 -1.35 -23.19
C31 U10 M . 4.78 0.72 -24.44
C32 U10 M . 5.50 0.02 -25.59
C33 U10 M . 4.99 -1.51 -25.89
C34 U10 M . 3.71 -2.07 -26.36
C35 U10 M . 2.42 -1.22 -26.69
C36 U10 M . 3.52 -3.62 -26.58
C37 U10 M . 4.54 -4.25 -27.48
C38 U10 M . 4.86 -5.75 -27.11
C39 U10 M . 5.27 -6.88 -27.91
C40 U10 M . 5.37 -6.89 -29.45
C41 U10 M . 5.70 -8.20 -27.30
C42 U10 M . 6.93 -8.05 -26.40
C43 U10 M . 6.65 -7.09 -25.12
C44 U10 M . 7.46 -6.67 -24.01
C45 U10 M . 8.96 -7.11 -23.76
C46 U10 M . 6.92 -5.71 -22.93
C47 U10 M . 7.76 -5.75 -21.64
C48 U10 M . 7.88 -7.18 -21.02
C49 U10 M . 8.39 -7.63 -19.76
C50 U10 M . 8.96 -6.68 -18.65
C51 U10 M . 8.41 -9.15 -19.31
O2 U10 M . -1.45 -7.35 -5.56
O3 U10 M . -0.81 -9.84 -6.64
O4 U10 M . 1.05 -10.01 -8.39
O5 U10 M . 2.42 -7.69 -9.30
#